data_3OZY
#
_entry.id   3OZY
#
_cell.length_a   116.769
_cell.length_b   116.769
_cell.length_c   128.417
_cell.angle_alpha   90.00
_cell.angle_beta   90.00
_cell.angle_gamma   90.00
#
_symmetry.space_group_name_H-M   'I 4'
#
loop_
_entity.id
_entity.type
_entity.pdbx_description
1 polymer 'Putative mandelate racemase'
2 non-polymer 'MAGNESIUM ION'
3 non-polymer GLYCEROL
4 non-polymer 'ACETIC ACID'
5 non-polymer 'D-xylaric acid'
6 water water
#
_entity_poly.entity_id   1
_entity_poly.type   'polypeptide(L)'
_entity_poly.pdbx_seq_one_letter_code
;MSLKITEVKAHALSTPIPERMRVESGAGLKLNRQMILVEVRTDEGVTGVGSPSGPYDLAVLKRAIEDVIGPQLIGEDPAN
INYLWHKVFHGEVSRNLGHRSVGIAAMSGVDIALWDLKGRAMNQPIYQLLGGKFHTRGVRAYASSIYWDLTPDQAADELA
GWVEQGFTAAKLKVGRAPRKDAANLRAMRQRVGADVEILVDANQSLGRHDALAMLRILDEAGCYWFEEPLSIDDIEGHRI
LRAQGTPVRIATGENLYTRNAFNDYIRNDAIDVLQADASRAGGITEALAISASAASAHLAWNPHTFNDIITVAANLHLVA
ASPHPAMFEWDITHNDLMTRLASYDLKLENGLVQPPQGPGLGFEIDWDFVAAHAWKGEPAIGAGHGMKK
;
_entity_poly.pdbx_strand_id   A,B
#
loop_
_chem_comp.id
_chem_comp.type
_chem_comp.name
_chem_comp.formula
ACY non-polymer 'ACETIC ACID' 'C2 H4 O2'
DXL non-polymer 'D-xylaric acid' 'C5 H8 O7'
GOL non-polymer GLYCEROL 'C3 H8 O3'
MG non-polymer 'MAGNESIUM ION' 'Mg 2'
#
# COMPACT_ATOMS: atom_id res chain seq x y z
N SER A 2 -21.33 -21.82 -18.57
CA SER A 2 -20.42 -21.04 -17.73
C SER A 2 -20.66 -21.32 -16.25
N LEU A 3 -19.59 -21.33 -15.47
CA LEU A 3 -19.69 -21.51 -14.02
C LEU A 3 -20.01 -20.20 -13.31
N LYS A 4 -20.41 -20.30 -12.05
CA LYS A 4 -20.59 -19.12 -11.20
C LYS A 4 -19.88 -19.35 -9.87
N ILE A 5 -19.15 -18.33 -9.41
CA ILE A 5 -18.49 -18.41 -8.12
C ILE A 5 -19.54 -18.40 -7.01
N THR A 6 -19.41 -19.34 -6.07
CA THR A 6 -20.36 -19.43 -4.95
C THR A 6 -19.75 -19.00 -3.61
N GLU A 7 -18.45 -19.23 -3.43
CA GLU A 7 -17.78 -18.88 -2.18
C GLU A 7 -16.34 -18.52 -2.42
N VAL A 8 -15.84 -17.57 -1.63
CA VAL A 8 -14.42 -17.26 -1.58
C VAL A 8 -13.98 -17.40 -0.12
N LYS A 9 -13.18 -18.43 0.14
CA LYS A 9 -12.77 -18.76 1.51
C LYS A 9 -11.29 -18.51 1.71
N ALA A 10 -10.93 -18.16 2.94
CA ALA A 10 -9.53 -17.94 3.28
C ALA A 10 -9.20 -18.71 4.56
N HIS A 11 -8.46 -19.81 4.42
CA HIS A 11 -8.10 -20.68 5.55
C HIS A 11 -6.80 -20.20 6.16
N ALA A 12 -6.85 -19.71 7.40
CA ALA A 12 -5.65 -19.28 8.10
C ALA A 12 -4.90 -20.47 8.70
N LEU A 13 -3.63 -20.61 8.32
CA LEU A 13 -2.81 -21.75 8.73
C LEU A 13 -1.51 -21.31 9.41
N SER A 14 -1.10 -22.06 10.42
CA SER A 14 0.17 -21.80 11.08
C SER A 14 0.94 -23.10 11.30
N THR A 15 2.24 -23.05 11.06
CA THR A 15 3.11 -24.21 11.31
C THR A 15 4.30 -23.77 12.13
N PRO A 16 4.75 -24.61 13.08
CA PRO A 16 5.80 -24.19 14.00
C PRO A 16 7.20 -24.28 13.41
N ILE A 17 8.14 -23.63 14.08
CA ILE A 17 9.56 -23.69 13.71
C ILE A 17 10.34 -24.03 14.98
N PRO A 18 11.15 -25.10 14.96
CA PRO A 18 11.97 -25.36 16.14
C PRO A 18 12.81 -24.14 16.47
N GLU A 19 12.94 -23.81 17.75
CA GLU A 19 13.63 -22.60 18.18
C GLU A 19 14.98 -22.41 17.49
N ARG A 20 15.76 -23.48 17.42
CA ARG A 20 17.11 -23.37 16.84
C ARG A 20 17.10 -23.12 15.33
N MET A 21 15.99 -23.46 14.69
N MET A 21 15.98 -23.43 14.69
CA MET A 21 15.86 -23.35 13.23
CA MET A 21 15.88 -23.32 13.24
C MET A 21 15.25 -22.01 12.80
C MET A 21 15.37 -21.95 12.81
N ARG A 22 14.93 -21.16 13.76
CA ARG A 22 14.48 -19.81 13.44
C ARG A 22 15.64 -19.10 12.80
N VAL A 23 15.35 -18.30 11.77
CA VAL A 23 16.39 -17.49 11.15
C VAL A 23 15.97 -16.02 11.17
N GLU A 24 16.95 -15.13 11.12
CA GLU A 24 16.69 -13.69 11.12
C GLU A 24 17.34 -13.02 9.93
N SER A 25 16.60 -12.07 9.35
CA SER A 25 17.08 -11.17 8.32
C SER A 25 16.53 -9.79 8.66
N GLY A 26 16.72 -8.84 7.77
CA GLY A 26 16.16 -7.51 7.97
C GLY A 26 14.65 -7.53 8.13
N ALA A 27 13.99 -8.57 7.64
CA ALA A 27 12.53 -8.69 7.77
C ALA A 27 12.09 -9.11 9.17
N GLY A 28 13.02 -9.57 10.00
CA GLY A 28 12.72 -10.02 11.36
C GLY A 28 13.08 -11.47 11.62
N LEU A 29 12.91 -11.88 12.87
CA LEU A 29 13.18 -13.27 13.29
C LEU A 29 11.95 -14.13 13.06
N LYS A 30 12.07 -15.20 12.27
CA LYS A 30 10.92 -16.05 11.99
C LYS A 30 10.48 -16.82 13.23
N LEU A 31 9.16 -16.93 13.40
CA LEU A 31 8.57 -17.59 14.57
C LEU A 31 7.68 -18.77 14.19
N ASN A 32 6.79 -18.55 13.22
CA ASN A 32 5.93 -19.61 12.70
C ASN A 32 5.73 -19.36 11.22
N ARG A 33 5.82 -20.40 10.40
CA ARG A 33 5.55 -20.24 8.97
C ARG A 33 4.04 -20.34 8.74
N GLN A 34 3.46 -19.25 8.24
CA GLN A 34 2.02 -19.14 8.12
C GLN A 34 1.61 -18.84 6.70
N MET A 35 0.32 -19.01 6.43
CA MET A 35 -0.26 -18.64 5.15
C MET A 35 -1.76 -18.59 5.25
N ILE A 36 -2.37 -17.94 4.26
CA ILE A 36 -3.76 -18.15 3.95
C ILE A 36 -3.85 -19.07 2.75
N LEU A 37 -4.63 -20.14 2.87
CA LEU A 37 -5.00 -20.96 1.73
C LEU A 37 -6.33 -20.45 1.20
N VAL A 38 -6.30 -19.83 0.04
CA VAL A 38 -7.52 -19.33 -0.60
C VAL A 38 -8.22 -20.49 -1.28
N GLU A 39 -9.54 -20.53 -1.16
CA GLU A 39 -10.35 -21.54 -1.84
C GLU A 39 -11.53 -20.85 -2.52
N VAL A 40 -11.56 -20.90 -3.85
CA VAL A 40 -12.68 -20.35 -4.60
C VAL A 40 -13.55 -21.50 -5.11
N ARG A 41 -14.82 -21.48 -4.70
CA ARG A 41 -15.76 -22.54 -5.07
C ARG A 41 -16.74 -22.06 -6.12
N THR A 42 -17.26 -23.00 -6.89
CA THR A 42 -18.26 -22.69 -7.92
C THR A 42 -19.48 -23.58 -7.79
N ASP A 43 -20.54 -23.19 -8.48
CA ASP A 43 -21.80 -23.93 -8.45
C ASP A 43 -21.67 -25.37 -8.94
N GLU A 44 -20.77 -25.62 -9.89
CA GLU A 44 -20.58 -26.96 -10.43
C GLU A 44 -19.45 -27.74 -9.75
N GLY A 45 -18.92 -27.18 -8.68
CA GLY A 45 -17.95 -27.89 -7.86
C GLY A 45 -16.51 -27.88 -8.37
N VAL A 46 -16.19 -27.00 -9.31
CA VAL A 46 -14.80 -26.80 -9.72
C VAL A 46 -14.18 -25.78 -8.79
N THR A 47 -13.08 -26.16 -8.16
CA THR A 47 -12.47 -25.34 -7.10
C THR A 47 -11.06 -24.93 -7.50
N GLY A 48 -10.69 -23.68 -7.16
CA GLY A 48 -9.31 -23.25 -7.30
C GLY A 48 -8.74 -22.85 -5.95
N VAL A 49 -7.44 -23.03 -5.78
CA VAL A 49 -6.77 -22.59 -4.55
C VAL A 49 -5.61 -21.64 -4.86
N GLY A 50 -5.24 -20.86 -3.85
CA GLY A 50 -4.18 -19.88 -4.00
C GLY A 50 -3.60 -19.48 -2.66
N SER A 51 -2.63 -18.56 -2.69
CA SER A 51 -2.01 -18.03 -1.48
C SER A 51 -1.59 -16.59 -1.74
N PRO A 52 -1.88 -15.69 -0.79
CA PRO A 52 -1.46 -14.28 -0.86
C PRO A 52 -0.12 -14.02 -0.15
N SER A 53 0.69 -15.08 -0.01
CA SER A 53 2.04 -14.96 0.53
C SER A 53 2.04 -14.53 2.01
N GLY A 54 3.17 -13.99 2.44
CA GLY A 54 3.36 -13.59 3.82
C GLY A 54 4.80 -13.14 3.99
N PRO A 55 5.16 -12.63 5.18
CA PRO A 55 4.27 -12.46 6.33
C PRO A 55 3.36 -11.24 6.18
N TYR A 56 2.07 -11.51 6.34
CA TYR A 56 1.04 -10.49 6.49
C TYR A 56 0.08 -11.06 7.53
N ASP A 57 -0.44 -10.21 8.41
CA ASP A 57 -1.36 -10.69 9.44
C ASP A 57 -2.49 -11.53 8.85
N LEU A 58 -2.71 -12.71 9.43
CA LEU A 58 -3.66 -13.66 8.83
C LEU A 58 -5.11 -13.19 8.93
N ALA A 59 -5.46 -12.49 10.02
CA ALA A 59 -6.82 -11.98 10.15
C ALA A 59 -7.08 -10.85 9.16
N VAL A 60 -6.09 -9.98 8.96
CA VAL A 60 -6.22 -8.93 7.94
C VAL A 60 -6.43 -9.56 6.56
N LEU A 61 -5.62 -10.54 6.20
CA LEU A 61 -5.77 -11.22 4.93
C LEU A 61 -7.13 -11.90 4.78
N LYS A 62 -7.53 -12.64 5.81
CA LYS A 62 -8.80 -13.37 5.76
C LYS A 62 -9.97 -12.43 5.53
N ARG A 63 -10.00 -11.34 6.29
CA ARG A 63 -11.05 -10.34 6.15
C ARG A 63 -11.05 -9.70 4.77
N ALA A 64 -9.87 -9.30 4.28
CA ALA A 64 -9.79 -8.69 2.97
C ALA A 64 -10.28 -9.64 1.89
N ILE A 65 -9.90 -10.90 1.98
CA ILE A 65 -10.24 -11.88 0.97
C ILE A 65 -11.73 -12.25 1.00
N GLU A 66 -12.24 -12.58 2.18
CA GLU A 66 -13.62 -13.05 2.29
C GLU A 66 -14.66 -11.93 2.20
N ASP A 67 -14.34 -10.76 2.72
CA ASP A 67 -15.37 -9.74 2.98
C ASP A 67 -15.17 -8.43 2.22
N VAL A 68 -14.01 -8.24 1.59
CA VAL A 68 -13.79 -7.08 0.75
C VAL A 68 -13.74 -7.51 -0.70
N ILE A 69 -12.83 -8.43 -1.03
CA ILE A 69 -12.73 -8.94 -2.38
C ILE A 69 -13.86 -9.91 -2.72
N GLY A 70 -14.12 -10.86 -1.82
CA GLY A 70 -15.11 -11.90 -2.04
C GLY A 70 -16.45 -11.45 -2.61
N PRO A 71 -17.07 -10.44 -1.99
CA PRO A 71 -18.38 -9.98 -2.47
C PRO A 71 -18.36 -9.52 -3.92
N GLN A 72 -17.21 -9.06 -4.44
CA GLN A 72 -17.12 -8.66 -5.83
C GLN A 72 -17.08 -9.85 -6.78
N LEU A 73 -16.87 -11.04 -6.24
CA LEU A 73 -16.73 -12.24 -7.06
C LEU A 73 -17.97 -13.14 -7.03
N ILE A 74 -18.72 -13.11 -5.94
CA ILE A 74 -19.85 -14.03 -5.81
C ILE A 74 -20.85 -13.80 -6.94
N GLY A 75 -21.18 -14.88 -7.64
CA GLY A 75 -22.15 -14.80 -8.73
C GLY A 75 -21.51 -14.58 -10.09
N GLU A 76 -20.21 -14.31 -10.10
CA GLU A 76 -19.50 -14.03 -11.34
C GLU A 76 -18.96 -15.29 -12.01
N ASP A 77 -18.85 -15.24 -13.33
CA ASP A 77 -18.18 -16.28 -14.09
C ASP A 77 -16.66 -16.21 -13.81
N PRO A 78 -16.09 -17.26 -13.20
CA PRO A 78 -14.66 -17.21 -12.86
C PRO A 78 -13.75 -17.20 -14.09
N ALA A 79 -14.29 -17.53 -15.26
CA ALA A 79 -13.47 -17.60 -16.46
C ALA A 79 -12.91 -16.25 -16.88
N ASN A 80 -13.61 -15.17 -16.53
CA ASN A 80 -13.20 -13.81 -16.88
C ASN A 80 -12.22 -13.25 -15.85
N ILE A 81 -11.06 -13.86 -15.76
CA ILE A 81 -10.07 -13.46 -14.77
C ILE A 81 -9.65 -12.02 -14.99
N ASN A 82 -9.46 -11.64 -16.25
CA ASN A 82 -9.06 -10.27 -16.55
C ASN A 82 -10.08 -9.23 -16.09
N TYR A 83 -11.35 -9.47 -16.41
CA TYR A 83 -12.42 -8.61 -15.94
C TYR A 83 -12.42 -8.53 -14.41
N LEU A 84 -12.32 -9.68 -13.76
CA LEU A 84 -12.44 -9.72 -12.30
C LEU A 84 -11.29 -9.01 -11.58
N TRP A 85 -10.09 -9.06 -12.16
CA TRP A 85 -8.95 -8.36 -11.58
C TRP A 85 -9.28 -6.87 -11.47
N HIS A 86 -9.75 -6.31 -12.57
CA HIS A 86 -10.05 -4.89 -12.63
C HIS A 86 -11.28 -4.50 -11.86
N LYS A 87 -12.29 -5.37 -11.85
CA LYS A 87 -13.47 -5.12 -11.04
C LYS A 87 -13.06 -4.96 -9.58
N VAL A 88 -12.17 -5.84 -9.11
CA VAL A 88 -11.75 -5.81 -7.71
C VAL A 88 -10.82 -4.63 -7.41
N PHE A 89 -9.86 -4.38 -8.28
CA PHE A 89 -8.89 -3.31 -8.04
C PHE A 89 -9.55 -1.93 -8.01
N HIS A 90 -10.34 -1.64 -9.03
CA HIS A 90 -10.98 -0.32 -9.14
C HIS A 90 -12.21 -0.20 -8.24
N GLY A 91 -12.90 -1.31 -8.01
CA GLY A 91 -14.10 -1.29 -7.21
C GLY A 91 -13.83 -1.14 -5.73
N GLU A 92 -12.76 -1.79 -5.25
CA GLU A 92 -12.47 -1.82 -3.81
C GLU A 92 -11.02 -1.58 -3.41
N VAL A 93 -10.10 -2.35 -3.98
CA VAL A 93 -8.79 -2.53 -3.33
C VAL A 93 -7.88 -1.30 -3.39
N SER A 94 -7.74 -0.69 -4.56
CA SER A 94 -6.83 0.44 -4.68
C SER A 94 -7.16 1.54 -3.67
N ARG A 95 -8.39 2.05 -3.71
CA ARG A 95 -8.77 3.12 -2.81
C ARG A 95 -8.96 2.65 -1.37
N ASN A 96 -9.63 1.51 -1.19
CA ASN A 96 -10.12 1.17 0.13
C ASN A 96 -9.19 0.25 0.93
N LEU A 97 -8.14 -0.27 0.29
CA LEU A 97 -7.06 -0.94 1.02
C LEU A 97 -5.70 -0.35 0.75
N GLY A 98 -5.61 0.59 -0.20
CA GLY A 98 -4.37 1.25 -0.56
C GLY A 98 -3.72 0.64 -1.79
N HIS A 99 -3.16 1.49 -2.64
CA HIS A 99 -2.70 1.02 -3.94
C HIS A 99 -1.46 0.11 -3.92
N ARG A 100 -0.66 0.14 -2.84
CA ARG A 100 0.54 -0.73 -2.73
C ARG A 100 0.51 -1.39 -1.36
N SER A 101 -0.29 -2.44 -1.24
CA SER A 101 -0.76 -2.84 0.07
C SER A 101 -0.97 -4.33 0.22
N VAL A 102 -1.21 -4.74 1.47
CA VAL A 102 -1.70 -6.07 1.79
C VAL A 102 -2.96 -6.43 0.99
N GLY A 103 -3.75 -5.43 0.59
CA GLY A 103 -4.91 -5.70 -0.25
C GLY A 103 -4.51 -6.22 -1.63
N ILE A 104 -3.39 -5.74 -2.15
CA ILE A 104 -2.87 -6.24 -3.42
C ILE A 104 -2.38 -7.68 -3.27
N ALA A 105 -1.74 -8.00 -2.14
CA ALA A 105 -1.36 -9.38 -1.87
C ALA A 105 -2.62 -10.25 -1.78
N ALA A 106 -3.64 -9.78 -1.06
CA ALA A 106 -4.92 -10.50 -0.99
C ALA A 106 -5.50 -10.78 -2.38
N MET A 107 -5.51 -9.77 -3.24
CA MET A 107 -5.98 -9.93 -4.63
C MET A 107 -5.18 -11.00 -5.34
N SER A 108 -3.89 -11.03 -5.03
CA SER A 108 -2.98 -11.96 -5.68
C SER A 108 -3.33 -13.40 -5.38
N GLY A 109 -3.65 -13.67 -4.12
CA GLY A 109 -4.05 -15.00 -3.69
C GLY A 109 -5.31 -15.46 -4.40
N VAL A 110 -6.27 -14.54 -4.53
CA VAL A 110 -7.53 -14.84 -5.21
C VAL A 110 -7.30 -15.03 -6.72
N ASP A 111 -6.47 -14.18 -7.31
CA ASP A 111 -6.12 -14.31 -8.73
C ASP A 111 -5.46 -15.65 -9.04
N ILE A 112 -4.53 -16.07 -8.19
CA ILE A 112 -3.91 -17.38 -8.34
C ILE A 112 -4.98 -18.47 -8.29
N ALA A 113 -5.92 -18.36 -7.36
CA ALA A 113 -6.99 -19.35 -7.25
C ALA A 113 -7.84 -19.40 -8.51
N LEU A 114 -8.10 -18.23 -9.13
CA LEU A 114 -8.87 -18.21 -10.36
C LEU A 114 -8.12 -18.90 -11.50
N TRP A 115 -6.80 -18.72 -11.55
CA TRP A 115 -6.00 -19.39 -12.57
C TRP A 115 -5.94 -20.91 -12.32
N ASP A 116 -5.85 -21.30 -11.05
CA ASP A 116 -5.87 -22.71 -10.70
C ASP A 116 -7.21 -23.30 -11.15
N LEU A 117 -8.28 -22.59 -10.85
CA LEU A 117 -9.63 -23.02 -11.21
C LEU A 117 -9.75 -23.18 -12.72
N LYS A 118 -9.26 -22.18 -13.45
CA LYS A 118 -9.30 -22.23 -14.91
C LYS A 118 -8.54 -23.45 -15.46
N GLY A 119 -7.32 -23.67 -14.97
CA GLY A 119 -6.56 -24.84 -15.38
C GLY A 119 -7.28 -26.14 -15.05
N ARG A 120 -7.88 -26.22 -13.86
CA ARG A 120 -8.61 -27.43 -13.50
C ARG A 120 -9.82 -27.65 -14.41
N ALA A 121 -10.54 -26.56 -14.70
CA ALA A 121 -11.69 -26.64 -15.59
C ALA A 121 -11.30 -27.11 -16.99
N MET A 122 -10.12 -26.68 -17.44
CA MET A 122 -9.62 -27.04 -18.77
C MET A 122 -8.81 -28.34 -18.77
N ASN A 123 -8.52 -28.86 -17.58
CA ASN A 123 -7.63 -30.02 -17.44
C ASN A 123 -6.24 -29.78 -18.02
N GLN A 124 -5.68 -28.60 -17.75
CA GLN A 124 -4.36 -28.23 -18.24
C GLN A 124 -3.54 -27.55 -17.14
N PRO A 125 -2.23 -27.81 -17.09
CA PRO A 125 -1.34 -27.07 -16.20
C PRO A 125 -1.34 -25.58 -16.58
N ILE A 126 -1.20 -24.70 -15.61
CA ILE A 126 -1.18 -23.27 -15.92
C ILE A 126 -0.12 -22.94 -16.97
N TYR A 127 1.07 -23.52 -16.88
CA TYR A 127 2.11 -23.13 -17.84
C TYR A 127 1.68 -23.41 -19.29
N GLN A 128 0.83 -24.40 -19.50
CA GLN A 128 0.34 -24.66 -20.87
C GLN A 128 -0.58 -23.56 -21.38
N LEU A 129 -1.42 -23.01 -20.51
N LEU A 129 -1.40 -23.00 -20.50
CA LEU A 129 -2.26 -21.88 -20.90
CA LEU A 129 -2.27 -21.89 -20.84
C LEU A 129 -1.41 -20.70 -21.32
C LEU A 129 -1.47 -20.65 -21.22
N LEU A 130 -0.30 -20.49 -20.60
CA LEU A 130 0.56 -19.33 -20.79
C LEU A 130 1.47 -19.45 -22.00
N GLY A 131 1.14 -20.35 -22.92
CA GLY A 131 1.92 -20.51 -24.13
C GLY A 131 2.94 -21.63 -24.04
N GLY A 132 2.89 -22.41 -22.97
CA GLY A 132 3.79 -23.53 -22.81
C GLY A 132 5.18 -23.15 -22.32
N LYS A 133 6.07 -24.13 -22.22
CA LYS A 133 7.39 -23.86 -21.66
C LYS A 133 8.27 -23.06 -22.60
N PHE A 134 9.08 -22.19 -22.01
CA PHE A 134 10.31 -21.72 -22.64
C PHE A 134 11.46 -22.63 -22.16
N HIS A 135 11.56 -22.81 -20.84
CA HIS A 135 12.62 -23.61 -20.25
C HIS A 135 12.25 -25.08 -20.29
N THR A 136 12.35 -25.67 -21.47
CA THR A 136 11.84 -27.03 -21.69
C THR A 136 12.55 -28.09 -20.86
N ARG A 137 13.83 -27.87 -20.56
CA ARG A 137 14.62 -28.85 -19.80
C ARG A 137 14.46 -28.68 -18.30
N GLY A 138 13.86 -27.58 -17.87
CA GLY A 138 13.73 -27.27 -16.46
C GLY A 138 14.25 -25.89 -16.12
N VAL A 139 14.02 -25.49 -14.87
CA VAL A 139 14.26 -24.14 -14.40
C VAL A 139 15.36 -24.11 -13.33
N ARG A 140 16.43 -23.36 -13.58
CA ARG A 140 17.51 -23.27 -12.60
C ARG A 140 17.07 -22.59 -11.32
N ALA A 141 17.27 -23.28 -10.19
CA ALA A 141 16.83 -22.79 -8.88
C ALA A 141 18.00 -22.31 -8.03
N TYR A 142 17.71 -21.48 -7.05
CA TYR A 142 18.70 -21.12 -6.05
C TYR A 142 18.16 -21.38 -4.66
N ALA A 143 19.08 -21.70 -3.76
CA ALA A 143 18.73 -22.01 -2.37
C ALA A 143 18.54 -20.70 -1.60
N SER A 144 17.34 -20.51 -1.07
CA SER A 144 16.99 -19.28 -0.38
C SER A 144 16.68 -19.60 1.09
N SER A 145 17.50 -19.15 2.05
CA SER A 145 18.77 -18.44 1.91
C SER A 145 19.64 -18.84 3.09
N ILE A 146 20.88 -18.41 3.06
CA ILE A 146 21.80 -18.47 4.20
C ILE A 146 21.57 -17.17 4.97
N TYR A 147 21.17 -17.29 6.24
CA TYR A 147 20.71 -16.14 7.01
C TYR A 147 21.80 -15.51 7.88
N TRP A 148 21.41 -14.53 8.70
CA TRP A 148 22.33 -13.88 9.62
C TRP A 148 22.82 -14.86 10.69
N ASP A 149 23.68 -14.38 11.58
CA ASP A 149 24.12 -15.13 12.76
C ASP A 149 25.09 -16.28 12.44
N LEU A 150 25.85 -16.15 11.36
CA LEU A 150 26.86 -17.15 11.02
C LEU A 150 28.25 -16.52 10.97
N THR A 151 29.26 -17.33 11.26
CA THR A 151 30.65 -16.95 11.00
C THR A 151 30.97 -17.19 9.53
N PRO A 152 32.11 -16.69 9.05
CA PRO A 152 32.43 -16.92 7.64
C PRO A 152 32.56 -18.41 7.27
N ASP A 153 33.25 -19.19 8.12
CA ASP A 153 33.38 -20.62 7.84
C ASP A 153 32.03 -21.31 7.81
N GLN A 154 31.13 -20.89 8.71
CA GLN A 154 29.79 -21.47 8.76
C GLN A 154 28.97 -21.11 7.53
N ALA A 155 29.08 -19.87 7.07
CA ALA A 155 28.38 -19.45 5.85
C ALA A 155 28.89 -20.25 4.66
N ALA A 156 30.20 -20.45 4.59
CA ALA A 156 30.79 -21.25 3.54
C ALA A 156 30.34 -22.71 3.63
N ASP A 157 30.31 -23.25 4.85
CA ASP A 157 29.84 -24.63 5.06
C ASP A 157 28.40 -24.78 4.58
N GLU A 158 27.55 -23.82 4.94
CA GLU A 158 26.15 -23.94 4.54
C GLU A 158 26.01 -23.86 3.02
N LEU A 159 26.75 -22.95 2.38
CA LEU A 159 26.71 -22.86 0.93
C LEU A 159 27.14 -24.16 0.28
N ALA A 160 28.27 -24.70 0.75
CA ALA A 160 28.77 -25.97 0.21
C ALA A 160 27.74 -27.08 0.37
N GLY A 161 27.02 -27.08 1.50
CA GLY A 161 25.95 -28.04 1.73
C GLY A 161 24.83 -27.95 0.70
N TRP A 162 24.37 -26.74 0.39
CA TRP A 162 23.30 -26.59 -0.61
C TRP A 162 23.79 -26.96 -2.01
N VAL A 163 25.04 -26.65 -2.31
CA VAL A 163 25.64 -27.07 -3.58
C VAL A 163 25.68 -28.60 -3.68
N GLU A 164 26.04 -29.26 -2.58
CA GLU A 164 26.07 -30.72 -2.53
C GLU A 164 24.69 -31.32 -2.80
N GLN A 165 23.65 -30.60 -2.39
CA GLN A 165 22.27 -31.04 -2.60
C GLN A 165 21.81 -30.87 -4.05
N GLY A 166 22.61 -30.16 -4.85
CA GLY A 166 22.33 -30.00 -6.26
C GLY A 166 22.11 -28.57 -6.72
N PHE A 167 22.09 -27.62 -5.80
CA PHE A 167 21.89 -26.22 -6.19
C PHE A 167 23.15 -25.65 -6.87
N THR A 168 22.94 -24.84 -7.90
CA THR A 168 24.04 -24.18 -8.61
C THR A 168 24.09 -22.70 -8.25
N ALA A 169 23.29 -22.30 -7.27
CA ALA A 169 23.15 -20.91 -6.87
C ALA A 169 22.52 -20.85 -5.49
N ALA A 170 22.83 -19.81 -4.73
CA ALA A 170 22.26 -19.64 -3.40
C ALA A 170 22.35 -18.18 -3.01
N LYS A 171 21.57 -17.80 -2.01
CA LYS A 171 21.46 -16.41 -1.57
C LYS A 171 21.88 -16.25 -0.11
N LEU A 172 22.57 -15.15 0.17
CA LEU A 172 23.01 -14.77 1.51
C LEU A 172 22.29 -13.52 1.99
N LYS A 173 21.74 -13.57 3.20
CA LYS A 173 21.18 -12.38 3.83
C LYS A 173 22.28 -11.53 4.46
N VAL A 174 22.19 -10.22 4.26
CA VAL A 174 23.17 -9.28 4.78
C VAL A 174 22.47 -8.05 5.33
N GLY A 175 23.25 -7.13 5.89
CA GLY A 175 22.72 -5.82 6.19
C GLY A 175 22.91 -5.31 7.60
N ARG A 176 23.11 -6.20 8.55
CA ARG A 176 23.26 -5.78 9.95
C ARG A 176 24.70 -5.41 10.27
N ALA A 177 25.63 -6.23 9.81
CA ALA A 177 27.05 -6.02 10.10
C ALA A 177 27.85 -6.21 8.82
N PRO A 178 27.94 -5.14 8.01
CA PRO A 178 28.55 -5.25 6.69
C PRO A 178 29.96 -5.84 6.65
N ARG A 179 30.76 -5.62 7.69
CA ARG A 179 32.10 -6.22 7.72
C ARG A 179 32.03 -7.74 7.83
N LYS A 180 31.07 -8.22 8.63
CA LYS A 180 30.87 -9.66 8.73
C LYS A 180 30.27 -10.22 7.45
N ASP A 181 29.34 -9.47 6.85
CA ASP A 181 28.74 -9.87 5.58
C ASP A 181 29.83 -10.06 4.54
N ALA A 182 30.76 -9.11 4.48
CA ALA A 182 31.85 -9.19 3.52
C ALA A 182 32.73 -10.40 3.78
N ALA A 183 33.03 -10.66 5.05
CA ALA A 183 33.87 -11.81 5.38
C ALA A 183 33.17 -13.11 5.00
N ASN A 184 31.86 -13.17 5.24
CA ASN A 184 31.07 -14.34 4.85
C ASN A 184 31.13 -14.58 3.36
N LEU A 185 30.91 -13.53 2.58
N LEU A 185 30.92 -13.52 2.60
CA LEU A 185 30.94 -13.63 1.13
CA LEU A 185 30.91 -13.60 1.15
C LEU A 185 32.29 -14.08 0.61
C LEU A 185 32.27 -14.03 0.59
N ARG A 186 33.35 -13.50 1.15
CA ARG A 186 34.68 -13.87 0.71
C ARG A 186 34.94 -15.35 0.99
N ALA A 187 34.53 -15.83 2.15
CA ALA A 187 34.74 -17.24 2.51
C ALA A 187 33.89 -18.15 1.61
N MET A 188 32.66 -17.74 1.37
CA MET A 188 31.76 -18.49 0.49
C MET A 188 32.32 -18.65 -0.92
N ARG A 189 32.78 -17.55 -1.52
CA ARG A 189 33.32 -17.61 -2.87
C ARG A 189 34.57 -18.48 -2.93
N GLN A 190 35.45 -18.35 -1.94
CA GLN A 190 36.66 -19.16 -1.92
C GLN A 190 36.32 -20.64 -1.85
N ARG A 191 35.30 -20.98 -1.06
N ARG A 191 35.29 -20.97 -1.06
CA ARG A 191 34.93 -22.38 -0.86
CA ARG A 191 34.89 -22.36 -0.85
C ARG A 191 34.38 -23.04 -2.13
C ARG A 191 34.37 -23.03 -2.11
N VAL A 192 33.48 -22.35 -2.83
CA VAL A 192 32.80 -22.97 -3.96
C VAL A 192 33.38 -22.72 -5.34
N GLY A 193 34.22 -21.71 -5.47
CA GLY A 193 34.79 -21.37 -6.75
C GLY A 193 33.84 -20.54 -7.60
N ALA A 194 34.19 -20.36 -8.87
CA ALA A 194 33.48 -19.44 -9.74
C ALA A 194 32.18 -19.94 -10.37
N ASP A 195 31.93 -21.25 -10.30
CA ASP A 195 30.81 -21.85 -11.05
C ASP A 195 29.48 -21.86 -10.30
N VAL A 196 29.47 -21.34 -9.08
CA VAL A 196 28.23 -21.25 -8.30
C VAL A 196 27.85 -19.79 -8.17
N GLU A 197 26.60 -19.46 -8.47
CA GLU A 197 26.16 -18.07 -8.35
C GLU A 197 25.84 -17.74 -6.91
N ILE A 198 26.32 -16.59 -6.45
CA ILE A 198 26.04 -16.14 -5.11
C ILE A 198 25.25 -14.84 -5.18
N LEU A 199 24.07 -14.87 -4.61
CA LEU A 199 23.15 -13.73 -4.56
C LEU A 199 23.18 -13.15 -3.15
N VAL A 200 22.91 -11.86 -3.02
CA VAL A 200 22.92 -11.20 -1.71
C VAL A 200 21.61 -10.42 -1.54
N ASP A 201 21.09 -10.37 -0.32
CA ASP A 201 19.80 -9.76 -0.04
C ASP A 201 19.88 -9.01 1.29
N ALA A 202 19.74 -7.69 1.24
CA ALA A 202 19.87 -6.85 2.42
C ALA A 202 18.54 -6.52 3.11
N ASN A 203 17.42 -6.96 2.55
CA ASN A 203 16.11 -6.68 3.16
C ASN A 203 15.93 -5.21 3.54
N GLN A 204 16.36 -4.31 2.65
CA GLN A 204 16.17 -2.87 2.82
C GLN A 204 16.95 -2.28 3.99
N SER A 205 18.01 -2.96 4.42
CA SER A 205 18.70 -2.62 5.67
C SER A 205 19.77 -1.56 5.59
N LEU A 206 20.18 -1.20 4.38
CA LEU A 206 21.31 -0.29 4.23
C LEU A 206 20.89 1.07 3.74
N GLY A 207 21.67 2.08 4.10
CA GLY A 207 21.59 3.38 3.45
C GLY A 207 22.46 3.41 2.20
N ARG A 208 22.38 4.50 1.45
CA ARG A 208 23.06 4.59 0.16
C ARG A 208 24.57 4.39 0.23
N HIS A 209 25.22 5.03 1.19
CA HIS A 209 26.68 4.98 1.24
C HIS A 209 27.19 3.62 1.66
N ASP A 210 26.56 3.02 2.65
CA ASP A 210 26.92 1.65 3.02
C ASP A 210 26.61 0.68 1.88
N ALA A 211 25.52 0.93 1.13
CA ALA A 211 25.22 0.07 -0.02
C ALA A 211 26.27 0.21 -1.12
N LEU A 212 26.75 1.43 -1.37
CA LEU A 212 27.83 1.63 -2.32
C LEU A 212 29.11 0.90 -1.89
N ALA A 213 29.42 0.96 -0.60
CA ALA A 213 30.60 0.26 -0.08
C ALA A 213 30.40 -1.24 -0.26
N MET A 214 29.21 -1.74 0.05
N MET A 214 29.20 -1.72 0.06
CA MET A 214 29.00 -3.17 -0.09
CA MET A 214 28.88 -3.15 -0.07
C MET A 214 29.04 -3.61 -1.55
C MET A 214 28.96 -3.62 -1.52
N LEU A 215 28.46 -2.81 -2.44
CA LEU A 215 28.46 -3.15 -3.87
C LEU A 215 29.89 -3.41 -4.38
N ARG A 216 30.86 -2.66 -3.90
CA ARG A 216 32.25 -2.89 -4.29
C ARG A 216 32.70 -4.31 -3.93
N ILE A 217 32.32 -4.76 -2.73
N ILE A 217 32.30 -4.79 -2.77
CA ILE A 217 32.60 -6.11 -2.25
CA ILE A 217 32.69 -6.13 -2.35
C ILE A 217 31.90 -7.13 -3.14
C ILE A 217 31.87 -7.20 -3.07
N LEU A 218 30.61 -6.90 -3.41
CA LEU A 218 29.81 -7.83 -4.20
C LEU A 218 30.43 -7.99 -5.60
N ASP A 219 30.92 -6.89 -6.13
CA ASP A 219 31.57 -6.89 -7.45
C ASP A 219 32.84 -7.76 -7.38
N GLU A 220 33.67 -7.51 -6.38
CA GLU A 220 34.89 -8.30 -6.18
C GLU A 220 34.58 -9.80 -6.10
N ALA A 221 33.48 -10.15 -5.42
CA ALA A 221 33.09 -11.55 -5.23
C ALA A 221 32.27 -12.11 -6.40
N GLY A 222 32.04 -11.28 -7.41
CA GLY A 222 31.31 -11.74 -8.58
C GLY A 222 29.87 -12.13 -8.31
N CYS A 223 29.22 -11.43 -7.37
CA CYS A 223 27.84 -11.76 -7.02
C CYS A 223 26.86 -11.52 -8.17
N TYR A 224 25.85 -12.38 -8.25
CA TYR A 224 24.86 -12.30 -9.32
C TYR A 224 23.93 -11.09 -9.17
N TRP A 225 23.42 -10.86 -7.97
CA TRP A 225 22.56 -9.71 -7.71
C TRP A 225 22.64 -9.23 -6.27
N PHE A 226 22.20 -8.00 -6.08
CA PHE A 226 22.12 -7.29 -4.79
C PHE A 226 20.64 -6.96 -4.64
N GLU A 227 19.95 -7.70 -3.78
CA GLU A 227 18.49 -7.63 -3.62
C GLU A 227 18.11 -6.75 -2.43
N GLU A 228 17.05 -5.94 -2.62
CA GLU A 228 16.61 -4.96 -1.62
C GLU A 228 17.79 -4.30 -0.91
N PRO A 229 18.71 -3.71 -1.69
CA PRO A 229 19.87 -3.08 -1.04
C PRO A 229 19.45 -1.90 -0.16
N LEU A 230 18.36 -1.21 -0.54
CA LEU A 230 17.89 -0.02 0.13
C LEU A 230 16.40 -0.13 0.40
N SER A 231 15.88 0.81 1.19
CA SER A 231 14.45 1.01 1.28
C SER A 231 13.83 0.99 -0.11
N ILE A 232 12.74 0.24 -0.27
N ILE A 232 12.73 0.25 -0.27
CA ILE A 232 12.02 0.24 -1.55
CA ILE A 232 12.03 0.23 -1.56
C ILE A 232 11.51 1.63 -1.92
C ILE A 232 11.43 1.60 -1.90
N ASP A 233 11.41 2.51 -0.93
CA ASP A 233 10.91 3.85 -1.15
C ASP A 233 11.94 4.79 -1.77
N ASP A 234 13.20 4.37 -1.82
CA ASP A 234 14.27 5.20 -2.35
C ASP A 234 14.65 4.78 -3.77
N ILE A 235 13.85 5.18 -4.75
CA ILE A 235 14.11 4.80 -6.13
C ILE A 235 15.45 5.34 -6.63
N GLU A 236 15.72 6.61 -6.33
CA GLU A 236 16.95 7.25 -6.79
C GLU A 236 18.21 6.55 -6.27
N GLY A 237 18.15 6.06 -5.03
CA GLY A 237 19.27 5.32 -4.49
C GLY A 237 19.60 4.09 -5.32
N HIS A 238 18.57 3.41 -5.82
CA HIS A 238 18.79 2.23 -6.64
C HIS A 238 19.42 2.63 -7.98
N ARG A 239 18.98 3.78 -8.53
CA ARG A 239 19.61 4.28 -9.75
C ARG A 239 21.09 4.54 -9.51
N ILE A 240 21.43 5.15 -8.37
CA ILE A 240 22.82 5.42 -8.04
C ILE A 240 23.65 4.14 -8.02
N LEU A 241 23.11 3.08 -7.43
CA LEU A 241 23.82 1.81 -7.39
C LEU A 241 24.01 1.23 -8.79
N ARG A 242 22.95 1.25 -9.58
CA ARG A 242 23.01 0.74 -10.93
C ARG A 242 23.97 1.55 -11.81
N ALA A 243 24.01 2.86 -11.57
CA ALA A 243 24.88 3.77 -12.34
C ALA A 243 26.36 3.48 -12.14
N GLN A 244 26.71 2.65 -11.15
CA GLN A 244 28.12 2.32 -10.97
C GLN A 244 28.63 1.39 -12.06
N GLY A 245 27.71 0.82 -12.84
CA GLY A 245 28.07 0.04 -14.00
C GLY A 245 28.78 -1.28 -13.70
N THR A 246 28.49 -1.88 -12.57
CA THR A 246 29.12 -3.16 -12.25
C THR A 246 28.33 -4.31 -12.87
N PRO A 247 28.94 -5.50 -12.94
CA PRO A 247 28.19 -6.66 -13.41
C PRO A 247 27.21 -7.22 -12.39
N VAL A 248 27.10 -6.59 -11.21
CA VAL A 248 26.17 -7.05 -10.19
C VAL A 248 24.80 -6.43 -10.45
N ARG A 249 23.77 -7.26 -10.60
CA ARG A 249 22.43 -6.77 -10.89
C ARG A 249 21.80 -6.15 -9.64
N ILE A 250 21.11 -5.02 -9.82
CA ILE A 250 20.33 -4.44 -8.73
C ILE A 250 18.91 -5.03 -8.81
N ALA A 251 18.50 -5.73 -7.76
CA ALA A 251 17.24 -6.46 -7.74
C ALA A 251 16.33 -5.98 -6.63
N THR A 252 15.04 -5.86 -6.91
CA THR A 252 14.07 -5.60 -5.87
C THR A 252 12.69 -5.96 -6.40
N GLY A 253 11.75 -6.20 -5.49
CA GLY A 253 10.38 -6.38 -5.92
C GLY A 253 9.42 -7.09 -4.99
N GLU A 254 9.90 -7.82 -4.00
CA GLU A 254 8.97 -8.52 -3.12
C GLU A 254 8.06 -7.56 -2.36
N ASN A 255 8.52 -6.32 -2.17
CA ASN A 255 7.74 -5.35 -1.40
C ASN A 255 7.23 -4.18 -2.23
N LEU A 256 7.30 -4.33 -3.55
CA LEU A 256 6.72 -3.38 -4.50
C LEU A 256 5.51 -4.03 -5.13
N TYR A 257 4.48 -3.23 -5.42
CA TYR A 257 3.19 -3.75 -5.81
C TYR A 257 2.70 -3.19 -7.15
N THR A 258 2.19 -4.10 -7.98
CA THR A 258 1.65 -3.80 -9.32
C THR A 258 2.72 -3.38 -10.31
N ARG A 259 2.35 -3.42 -11.59
CA ARG A 259 3.25 -2.99 -12.63
C ARG A 259 3.61 -1.51 -12.50
N ASN A 260 2.79 -0.75 -11.79
CA ASN A 260 3.06 0.69 -11.64
C ASN A 260 4.34 0.97 -10.88
N ALA A 261 4.61 0.16 -9.84
CA ALA A 261 5.83 0.33 -9.06
C ALA A 261 7.05 0.08 -9.94
N PHE A 262 6.99 -1.01 -10.70
CA PHE A 262 8.13 -1.39 -11.52
C PHE A 262 8.36 -0.42 -12.68
N ASN A 263 7.28 0.14 -13.21
CA ASN A 263 7.39 1.16 -14.25
C ASN A 263 8.15 2.37 -13.72
N ASP A 264 7.86 2.75 -12.48
CA ASP A 264 8.58 3.88 -11.88
C ASP A 264 10.08 3.57 -11.75
N TYR A 265 10.42 2.35 -11.34
CA TYR A 265 11.84 1.99 -11.28
C TYR A 265 12.48 2.01 -12.66
N ILE A 266 11.80 1.44 -13.64
CA ILE A 266 12.34 1.38 -15.00
C ILE A 266 12.55 2.77 -15.58
N ARG A 267 11.55 3.64 -15.40
N ARG A 267 11.57 3.65 -15.39
CA ARG A 267 11.60 5.02 -15.88
CA ARG A 267 11.65 5.01 -15.93
C ARG A 267 12.83 5.73 -15.35
C ARG A 267 12.75 5.84 -15.29
N ASN A 268 13.20 5.39 -14.12
CA ASN A 268 14.31 6.04 -13.46
C ASN A 268 15.63 5.28 -13.54
N ASP A 269 15.69 4.31 -14.46
CA ASP A 269 16.92 3.55 -14.68
C ASP A 269 17.44 2.93 -13.38
N ALA A 270 16.51 2.44 -12.57
CA ALA A 270 16.83 2.08 -11.19
C ALA A 270 16.77 0.58 -10.90
N ILE A 271 16.64 -0.26 -11.92
CA ILE A 271 16.46 -1.69 -11.64
C ILE A 271 16.99 -2.58 -12.74
N ASP A 272 17.64 -3.68 -12.37
CA ASP A 272 18.10 -4.70 -13.31
C ASP A 272 17.20 -5.93 -13.31
N VAL A 273 16.77 -6.33 -12.12
CA VAL A 273 15.97 -7.53 -11.94
C VAL A 273 14.70 -7.17 -11.17
N LEU A 274 13.56 -7.33 -11.84
CA LEU A 274 12.26 -7.11 -11.22
C LEU A 274 11.86 -8.39 -10.51
N GLN A 275 11.49 -8.30 -9.25
CA GLN A 275 11.21 -9.50 -8.46
C GLN A 275 9.75 -9.64 -8.04
N ALA A 276 8.87 -9.00 -8.81
CA ALA A 276 7.43 -9.13 -8.58
C ALA A 276 7.02 -10.59 -8.40
N ASP A 277 6.35 -10.87 -7.30
CA ASP A 277 5.90 -12.20 -6.91
C ASP A 277 4.44 -12.32 -7.33
N ALA A 278 4.09 -13.36 -8.08
CA ALA A 278 2.69 -13.55 -8.48
C ALA A 278 1.72 -13.54 -7.30
N SER A 279 2.19 -13.95 -6.12
CA SER A 279 1.35 -14.05 -4.93
C SER A 279 1.31 -12.78 -4.07
N ARG A 280 2.05 -11.74 -4.49
CA ARG A 280 2.12 -10.49 -3.73
C ARG A 280 1.78 -9.26 -4.57
N ALA A 281 2.31 -9.20 -5.80
CA ALA A 281 2.33 -7.96 -6.57
C ALA A 281 1.06 -7.74 -7.38
N GLY A 282 0.14 -8.70 -7.33
CA GLY A 282 -1.17 -8.55 -7.95
C GLY A 282 -1.78 -9.83 -8.48
N GLY A 283 -1.00 -10.91 -8.58
CA GLY A 283 -1.53 -12.17 -9.09
C GLY A 283 -0.70 -12.72 -10.24
N ILE A 284 -1.05 -13.91 -10.72
CA ILE A 284 -0.50 -14.37 -11.99
C ILE A 284 -0.80 -13.36 -13.10
N THR A 285 -2.01 -12.82 -13.11
CA THR A 285 -2.40 -11.84 -14.12
C THR A 285 -1.43 -10.66 -14.15
N GLU A 286 -1.09 -10.15 -12.97
CA GLU A 286 -0.23 -8.99 -12.89
C GLU A 286 1.25 -9.33 -13.12
N ALA A 287 1.71 -10.46 -12.58
CA ALA A 287 3.09 -10.88 -12.81
C ALA A 287 3.37 -11.10 -14.30
N LEU A 288 2.39 -11.62 -15.04
CA LEU A 288 2.56 -11.80 -16.48
C LEU A 288 2.88 -10.47 -17.14
N ALA A 289 2.17 -9.42 -16.76
CA ALA A 289 2.35 -8.11 -17.35
C ALA A 289 3.72 -7.55 -16.95
N ILE A 290 4.11 -7.76 -15.70
CA ILE A 290 5.39 -7.26 -15.21
C ILE A 290 6.55 -7.96 -15.91
N SER A 291 6.44 -9.28 -16.09
CA SER A 291 7.48 -10.03 -16.78
C SER A 291 7.67 -9.52 -18.21
N ALA A 292 6.55 -9.28 -18.88
CA ALA A 292 6.59 -8.75 -20.24
C ALA A 292 7.23 -7.38 -20.29
N SER A 293 6.87 -6.52 -19.33
N SER A 293 6.86 -6.52 -19.34
CA SER A 293 7.41 -5.17 -19.30
CA SER A 293 7.41 -5.17 -19.28
C SER A 293 8.91 -5.16 -19.00
C SER A 293 8.92 -5.20 -19.07
N ALA A 294 9.37 -6.09 -18.18
CA ALA A 294 10.81 -6.23 -17.94
C ALA A 294 11.52 -6.55 -19.26
N ALA A 295 10.98 -7.52 -20.00
CA ALA A 295 11.62 -7.95 -21.24
C ALA A 295 11.67 -6.80 -22.26
N SER A 296 10.57 -6.06 -22.36
N SER A 296 10.58 -6.05 -22.35
CA SER A 296 10.53 -4.91 -23.26
CA SER A 296 10.51 -4.92 -23.27
C SER A 296 11.65 -3.92 -22.98
C SER A 296 11.60 -3.89 -22.98
N ALA A 297 11.97 -3.76 -21.71
CA ALA A 297 13.00 -2.81 -21.30
C ALA A 297 14.39 -3.42 -21.27
N HIS A 298 14.52 -4.66 -21.74
CA HIS A 298 15.81 -5.37 -21.76
C HIS A 298 16.34 -5.63 -20.36
N LEU A 299 15.39 -5.85 -19.44
CA LEU A 299 15.69 -6.19 -18.06
C LEU A 299 15.16 -7.59 -17.77
N ALA A 300 15.40 -8.09 -16.56
CA ALA A 300 15.02 -9.45 -16.21
C ALA A 300 13.88 -9.44 -15.20
N TRP A 301 13.03 -10.46 -15.26
CA TRP A 301 12.06 -10.75 -14.19
C TRP A 301 12.43 -12.10 -13.58
N ASN A 302 12.74 -12.08 -12.28
CA ASN A 302 13.06 -13.27 -11.51
C ASN A 302 12.28 -13.10 -10.21
N PRO A 303 11.13 -13.76 -10.07
CA PRO A 303 10.23 -13.46 -8.95
C PRO A 303 10.78 -13.86 -7.59
N HIS A 304 10.41 -13.09 -6.57
CA HIS A 304 10.38 -13.59 -5.22
C HIS A 304 9.28 -14.66 -5.14
N THR A 305 9.53 -15.74 -4.39
CA THR A 305 8.56 -16.84 -4.30
C THR A 305 8.34 -17.33 -2.86
N PHE A 306 8.98 -16.67 -1.90
CA PHE A 306 9.19 -17.22 -0.56
C PHE A 306 7.98 -17.01 0.36
N ASN A 307 7.22 -18.09 0.58
CA ASN A 307 6.25 -18.20 1.68
C ASN A 307 5.74 -19.61 1.86
N ASP A 308 5.30 -20.24 0.77
CA ASP A 308 4.72 -21.58 0.86
C ASP A 308 4.77 -22.25 -0.51
N ILE A 309 4.37 -23.52 -0.59
CA ILE A 309 4.52 -24.24 -1.84
C ILE A 309 3.60 -23.72 -2.94
N ILE A 310 2.49 -23.10 -2.54
CA ILE A 310 1.58 -22.52 -3.54
C ILE A 310 2.21 -21.28 -4.17
N THR A 311 2.81 -20.43 -3.35
CA THR A 311 3.46 -19.25 -3.94
C THR A 311 4.62 -19.68 -4.83
N VAL A 312 5.34 -20.72 -4.41
CA VAL A 312 6.39 -21.28 -5.24
C VAL A 312 5.83 -21.83 -6.57
N ALA A 313 4.82 -22.70 -6.50
CA ALA A 313 4.26 -23.28 -7.70
C ALA A 313 3.69 -22.24 -8.66
N ALA A 314 2.96 -21.26 -8.13
CA ALA A 314 2.34 -20.25 -8.98
C ALA A 314 3.39 -19.53 -9.80
N ASN A 315 4.45 -19.07 -9.12
CA ASN A 315 5.55 -18.42 -9.84
C ASN A 315 6.27 -19.36 -10.81
N LEU A 316 6.42 -20.64 -10.43
CA LEU A 316 7.16 -21.56 -11.27
C LEU A 316 6.49 -21.80 -12.62
N HIS A 317 5.16 -21.86 -12.65
CA HIS A 317 4.46 -21.98 -13.92
C HIS A 317 4.84 -20.83 -14.85
N LEU A 318 4.86 -19.62 -14.29
CA LEU A 318 5.19 -18.44 -15.10
C LEU A 318 6.66 -18.44 -15.52
N VAL A 319 7.54 -18.76 -14.57
CA VAL A 319 8.97 -18.77 -14.87
C VAL A 319 9.30 -19.81 -15.95
N ALA A 320 8.68 -20.98 -15.85
CA ALA A 320 8.92 -22.03 -16.85
C ALA A 320 8.54 -21.56 -18.26
N ALA A 321 7.51 -20.72 -18.33
CA ALA A 321 6.98 -20.24 -19.61
C ALA A 321 7.70 -19.01 -20.14
N SER A 322 8.53 -18.39 -19.31
N SER A 322 8.51 -18.38 -19.30
CA SER A 322 9.16 -17.12 -19.64
CA SER A 322 9.14 -17.10 -19.65
C SER A 322 10.58 -17.25 -20.17
C SER A 322 10.57 -17.25 -20.17
N PRO A 323 10.92 -16.47 -21.20
CA PRO A 323 12.28 -16.47 -21.76
C PRO A 323 13.33 -15.80 -20.86
N HIS A 324 12.94 -15.23 -19.74
CA HIS A 324 13.93 -14.65 -18.85
C HIS A 324 14.89 -15.71 -18.34
N PRO A 325 16.16 -15.33 -18.13
CA PRO A 325 17.12 -16.30 -17.56
C PRO A 325 16.58 -16.78 -16.22
N ALA A 326 16.68 -18.07 -15.97
CA ALA A 326 16.12 -18.64 -14.75
C ALA A 326 17.03 -18.43 -13.53
N MET A 327 16.46 -17.92 -12.45
CA MET A 327 17.16 -17.83 -11.18
C MET A 327 16.06 -17.94 -10.13
N PHE A 328 15.57 -19.16 -9.97
CA PHE A 328 14.28 -19.39 -9.34
C PHE A 328 14.40 -19.64 -7.84
N GLU A 329 13.77 -18.77 -7.06
CA GLU A 329 13.88 -18.83 -5.60
C GLU A 329 13.23 -20.07 -5.01
N TRP A 330 14.00 -20.82 -4.22
CA TRP A 330 13.48 -22.00 -3.53
C TRP A 330 13.83 -21.97 -2.05
N ASP A 331 12.82 -21.74 -1.22
CA ASP A 331 12.93 -21.70 0.25
C ASP A 331 13.48 -23.02 0.78
N ILE A 332 14.67 -22.99 1.38
CA ILE A 332 15.27 -24.19 1.99
C ILE A 332 15.28 -24.16 3.51
N THR A 333 14.62 -23.15 4.08
CA THR A 333 14.54 -23.05 5.54
C THR A 333 13.46 -24.00 6.08
N HIS A 334 13.38 -24.16 7.39
CA HIS A 334 12.38 -25.04 7.97
C HIS A 334 10.97 -24.50 7.71
N ASN A 335 10.17 -25.26 6.96
CA ASN A 335 8.86 -24.76 6.56
C ASN A 335 7.94 -25.89 6.14
N ASP A 336 7.04 -26.28 7.05
CA ASP A 336 6.10 -27.35 6.74
C ASP A 336 5.20 -27.02 5.55
N LEU A 337 5.01 -25.74 5.28
CA LEU A 337 4.20 -25.35 4.13
C LEU A 337 4.89 -25.62 2.79
N MET A 338 6.19 -25.93 2.84
CA MET A 338 6.94 -26.32 1.66
C MET A 338 7.00 -27.84 1.46
N THR A 339 6.63 -28.60 2.49
CA THR A 339 6.82 -30.05 2.43
C THR A 339 5.54 -30.85 2.60
N ARG A 340 4.62 -30.36 3.42
CA ARG A 340 3.49 -31.18 3.84
C ARG A 340 2.11 -30.70 3.40
N LEU A 341 2.06 -29.51 2.80
CA LEU A 341 0.78 -28.97 2.36
C LEU A 341 0.28 -29.64 1.09
N ALA A 342 1.20 -29.94 0.18
CA ALA A 342 0.81 -30.46 -1.13
C ALA A 342 1.75 -31.55 -1.64
N SER A 343 1.31 -32.25 -2.67
CA SER A 343 2.02 -33.39 -3.22
C SER A 343 3.25 -33.01 -4.05
N TYR A 344 3.42 -31.71 -4.33
CA TYR A 344 4.56 -31.26 -5.13
C TYR A 344 5.76 -30.93 -4.24
N ASP A 345 6.90 -31.57 -4.53
CA ASP A 345 8.11 -31.50 -3.70
C ASP A 345 9.32 -31.00 -4.47
N LEU A 346 10.36 -30.55 -3.75
CA LEU A 346 11.64 -30.23 -4.38
C LEU A 346 12.26 -31.45 -5.03
N LYS A 347 12.61 -31.31 -6.31
CA LYS A 347 13.39 -32.33 -7.01
C LYS A 347 14.34 -31.65 -7.98
N LEU A 348 15.64 -31.70 -7.65
CA LEU A 348 16.67 -31.09 -8.50
C LEU A 348 17.33 -32.10 -9.42
N GLU A 349 17.39 -31.76 -10.70
CA GLU A 349 18.17 -32.51 -11.68
C GLU A 349 19.10 -31.56 -12.41
N ASN A 350 20.40 -31.75 -12.22
CA ASN A 350 21.38 -30.85 -12.80
C ASN A 350 21.06 -29.40 -12.43
N GLY A 351 20.58 -29.20 -11.21
CA GLY A 351 20.32 -27.87 -10.68
C GLY A 351 18.98 -27.29 -11.08
N LEU A 352 18.18 -28.06 -11.80
CA LEU A 352 16.90 -27.58 -12.36
C LEU A 352 15.71 -28.22 -11.68
N VAL A 353 14.62 -27.45 -11.57
CA VAL A 353 13.33 -27.98 -11.14
C VAL A 353 12.35 -27.95 -12.32
N GLN A 354 11.30 -28.76 -12.24
CA GLN A 354 10.25 -28.75 -13.26
C GLN A 354 8.95 -28.30 -12.62
N PRO A 355 8.12 -27.56 -13.37
CA PRO A 355 6.82 -27.18 -12.80
C PRO A 355 5.94 -28.40 -12.56
N PRO A 356 4.98 -28.30 -11.63
CA PRO A 356 4.02 -29.38 -11.42
C PRO A 356 3.29 -29.68 -12.72
N GLN A 357 2.93 -30.96 -12.94
CA GLN A 357 2.41 -31.39 -14.23
C GLN A 357 0.91 -31.60 -14.30
N GLY A 358 0.23 -31.55 -13.16
CA GLY A 358 -1.21 -31.73 -13.13
C GLY A 358 -1.97 -30.50 -13.61
N PRO A 359 -3.29 -30.56 -13.56
CA PRO A 359 -4.12 -29.41 -13.99
C PRO A 359 -4.01 -28.24 -13.02
N GLY A 360 -4.17 -27.02 -13.55
CA GLY A 360 -4.09 -25.83 -12.72
C GLY A 360 -2.70 -25.66 -12.15
N LEU A 361 -2.61 -25.41 -10.84
CA LEU A 361 -1.31 -25.36 -10.18
C LEU A 361 -0.60 -26.71 -10.26
N GLY A 362 -1.37 -27.78 -10.40
CA GLY A 362 -0.82 -29.06 -10.80
C GLY A 362 -0.47 -30.05 -9.71
N PHE A 363 -0.99 -29.84 -8.51
CA PHE A 363 -0.79 -30.79 -7.41
C PHE A 363 -2.05 -30.89 -6.57
N GLU A 364 -2.04 -31.82 -5.62
CA GLU A 364 -3.14 -32.00 -4.69
C GLU A 364 -2.83 -31.42 -3.31
N ILE A 365 -3.82 -30.74 -2.73
CA ILE A 365 -3.71 -30.27 -1.35
C ILE A 365 -4.03 -31.40 -0.36
N ASP A 366 -3.24 -31.51 0.70
CA ASP A 366 -3.56 -32.44 1.78
C ASP A 366 -4.50 -31.73 2.74
N TRP A 367 -5.80 -31.98 2.58
CA TRP A 367 -6.80 -31.28 3.36
C TRP A 367 -6.81 -31.71 4.83
N ASP A 368 -6.27 -32.89 5.12
CA ASP A 368 -6.11 -33.30 6.50
C ASP A 368 -5.04 -32.43 7.17
N PHE A 369 -3.95 -32.19 6.46
CA PHE A 369 -2.93 -31.28 6.97
C PHE A 369 -3.52 -29.90 7.21
N VAL A 370 -4.29 -29.39 6.25
CA VAL A 370 -4.94 -28.09 6.40
C VAL A 370 -5.79 -28.05 7.67
N ALA A 371 -6.64 -29.05 7.84
CA ALA A 371 -7.54 -29.08 8.99
C ALA A 371 -6.78 -29.12 10.32
N ALA A 372 -5.61 -29.74 10.31
CA ALA A 372 -4.81 -29.90 11.54
C ALA A 372 -3.91 -28.70 11.88
N HIS A 373 -3.87 -27.70 11.00
CA HIS A 373 -2.98 -26.57 11.23
C HIS A 373 -3.67 -25.21 11.21
N ALA A 374 -4.92 -25.19 11.68
CA ALA A 374 -5.63 -23.92 11.81
C ALA A 374 -4.88 -22.96 12.73
N TRP A 375 -4.77 -21.71 12.29
CA TRP A 375 -4.15 -20.65 13.06
C TRP A 375 -4.90 -20.42 14.37
N LYS A 376 -4.13 -20.23 15.45
CA LYS A 376 -4.72 -19.95 16.76
C LYS A 376 -4.20 -18.64 17.36
N GLY A 377 -3.80 -17.72 16.49
CA GLY A 377 -3.32 -16.42 16.93
C GLY A 377 -1.81 -16.29 17.09
N GLU A 378 -1.07 -17.35 16.76
CA GLU A 378 0.39 -17.31 16.80
C GLU A 378 0.95 -16.21 15.89
N PRO A 379 2.07 -15.60 16.28
CA PRO A 379 2.72 -14.62 15.40
C PRO A 379 3.55 -15.31 14.33
N ALA A 380 3.75 -14.67 13.18
CA ALA A 380 4.60 -15.26 12.14
C ALA A 380 6.06 -14.87 12.28
N ILE A 381 6.32 -13.63 12.68
CA ILE A 381 7.66 -13.08 12.58
C ILE A 381 7.82 -11.96 13.61
N GLY A 382 9.03 -11.84 14.15
CA GLY A 382 9.33 -10.77 15.08
C GLY A 382 9.54 -9.46 14.37
N ALA A 383 9.75 -8.40 15.14
CA ALA A 383 9.83 -7.05 14.55
C ALA A 383 10.94 -6.95 13.54
N GLY A 384 10.64 -6.33 12.39
CA GLY A 384 11.64 -6.09 11.37
C GLY A 384 12.57 -4.94 11.69
N HIS A 385 13.54 -4.73 10.82
CA HIS A 385 14.58 -3.74 11.03
C HIS A 385 14.46 -2.57 10.05
N GLY A 386 15.23 -1.51 10.28
CA GLY A 386 15.27 -0.40 9.33
C GLY A 386 15.28 0.95 10.01
N MET A 387 15.00 0.93 11.30
CA MET A 387 15.00 2.14 12.10
C MET A 387 16.37 2.79 12.11
N SER B 2 7.19 9.60 33.83
CA SER B 2 6.75 9.31 32.46
C SER B 2 5.67 8.24 32.44
N LEU B 3 4.76 8.36 31.48
CA LEU B 3 3.63 7.43 31.34
C LEU B 3 4.02 6.17 30.59
N LYS B 4 3.15 5.17 30.67
CA LYS B 4 3.30 3.96 29.88
C LYS B 4 1.96 3.63 29.22
N ILE B 5 2.01 3.29 27.94
CA ILE B 5 0.82 2.88 27.22
C ILE B 5 0.34 1.52 27.73
N THR B 6 -0.95 1.43 28.04
CA THR B 6 -1.51 0.19 28.56
C THR B 6 -2.44 -0.50 27.57
N GLU B 7 -3.12 0.29 26.72
CA GLU B 7 -4.06 -0.28 25.76
C GLU B 7 -4.12 0.59 24.50
N VAL B 8 -4.27 -0.06 23.36
CA VAL B 8 -4.58 0.60 22.10
C VAL B 8 -5.88 0.00 21.57
N LYS B 9 -6.94 0.78 21.60
CA LYS B 9 -8.27 0.30 21.21
C LYS B 9 -8.74 0.95 19.92
N ALA B 10 -9.53 0.21 19.16
CA ALA B 10 -10.10 0.71 17.92
C ALA B 10 -11.60 0.46 17.92
N HIS B 11 -12.39 1.51 18.11
CA HIS B 11 -13.85 1.40 18.15
C HIS B 11 -14.42 1.56 16.75
N ALA B 12 -15.00 0.49 16.21
CA ALA B 12 -15.62 0.54 14.89
C ALA B 12 -17.00 1.17 14.96
N LEU B 13 -17.20 2.28 14.25
CA LEU B 13 -18.45 3.04 14.28
C LEU B 13 -19.07 3.17 12.91
N SER B 14 -20.40 3.10 12.85
CA SER B 14 -21.12 3.33 11.59
C SER B 14 -22.30 4.27 11.82
N THR B 15 -22.52 5.19 10.88
CA THR B 15 -23.66 6.10 10.93
C THR B 15 -24.36 6.07 9.58
N PRO B 16 -25.69 6.12 9.58
CA PRO B 16 -26.40 5.96 8.31
C PRO B 16 -26.42 7.21 7.44
N ILE B 17 -26.74 6.98 6.17
CA ILE B 17 -27.00 8.10 5.25
C ILE B 17 -28.34 7.84 4.59
N PRO B 18 -29.34 8.70 4.87
CA PRO B 18 -30.64 8.54 4.20
C PRO B 18 -30.47 8.48 2.68
N GLU B 19 -31.28 7.67 2.02
CA GLU B 19 -31.22 7.46 0.57
C GLU B 19 -30.96 8.73 -0.24
N ARG B 20 -31.77 9.76 -0.01
CA ARG B 20 -31.68 10.97 -0.82
C ARG B 20 -30.39 11.73 -0.58
N MET B 21 -29.79 11.52 0.59
CA MET B 21 -28.56 12.22 0.95
C MET B 21 -27.29 11.51 0.46
N ARG B 22 -27.44 10.33 -0.11
CA ARG B 22 -26.30 9.57 -0.60
C ARG B 22 -25.76 10.22 -1.86
N VAL B 23 -24.48 10.60 -1.85
CA VAL B 23 -23.85 11.21 -3.02
C VAL B 23 -22.88 10.24 -3.66
N GLU B 24 -22.58 10.46 -4.94
CA GLU B 24 -21.68 9.60 -5.68
C GLU B 24 -20.58 10.41 -6.36
N SER B 25 -19.38 9.85 -6.33
CA SER B 25 -18.23 10.39 -7.07
C SER B 25 -17.48 9.19 -7.62
N GLY B 26 -16.30 9.42 -8.20
CA GLY B 26 -15.50 8.31 -8.69
C GLY B 26 -15.12 7.30 -7.61
N ALA B 27 -15.16 7.71 -6.35
CA ALA B 27 -14.83 6.81 -5.25
C ALA B 27 -15.97 5.83 -4.93
N GLY B 28 -17.15 6.09 -5.48
CA GLY B 28 -18.32 5.25 -5.24
C GLY B 28 -19.51 6.00 -4.66
N LEU B 29 -20.63 5.30 -4.57
CA LEU B 29 -21.85 5.81 -3.95
C LEU B 29 -21.76 5.62 -2.43
N LYS B 30 -21.87 6.71 -1.67
CA LYS B 30 -21.78 6.61 -0.22
C LYS B 30 -22.99 5.91 0.37
N LEU B 31 -22.74 5.03 1.35
CA LEU B 31 -23.80 4.23 1.96
C LEU B 31 -23.93 4.50 3.45
N ASN B 32 -22.80 4.48 4.16
CA ASN B 32 -22.77 4.80 5.59
C ASN B 32 -21.48 5.54 5.88
N ARG B 33 -21.52 6.58 6.70
CA ARG B 33 -20.30 7.25 7.11
C ARG B 33 -19.73 6.52 8.32
N GLN B 34 -18.53 5.99 8.15
CA GLN B 34 -17.92 5.11 9.14
C GLN B 34 -16.57 5.65 9.59
N MET B 35 -16.08 5.10 10.69
CA MET B 35 -14.74 5.42 11.17
C MET B 35 -14.32 4.41 12.21
N ILE B 36 -13.01 4.36 12.45
CA ILE B 36 -12.45 3.83 13.69
C ILE B 36 -12.13 5.00 14.60
N LEU B 37 -12.65 4.95 15.83
CA LEU B 37 -12.19 5.85 16.88
C LEU B 37 -11.07 5.14 17.62
N VAL B 38 -9.84 5.62 17.44
CA VAL B 38 -8.70 5.07 18.16
C VAL B 38 -8.67 5.66 19.56
N GLU B 39 -8.39 4.79 20.55
CA GLU B 39 -8.24 5.22 21.93
C GLU B 39 -6.95 4.62 22.49
N VAL B 40 -5.99 5.48 22.83
CA VAL B 40 -4.75 5.04 23.46
C VAL B 40 -4.82 5.40 24.94
N ARG B 41 -4.70 4.38 25.78
CA ARG B 41 -4.79 4.55 27.23
C ARG B 41 -3.42 4.40 27.87
N THR B 42 -3.25 5.02 29.04
CA THR B 42 -1.99 4.91 29.77
C THR B 42 -2.22 4.51 31.21
N ASP B 43 -1.13 4.12 31.87
CA ASP B 43 -1.20 3.71 33.28
C ASP B 43 -1.75 4.79 34.20
N GLU B 44 -1.44 6.05 33.91
CA GLU B 44 -1.94 7.15 34.74
C GLU B 44 -3.26 7.76 34.28
N GLY B 45 -3.91 7.15 33.28
CA GLY B 45 -5.23 7.57 32.89
C GLY B 45 -5.31 8.74 31.92
N VAL B 46 -4.19 9.13 31.33
CA VAL B 46 -4.21 10.12 30.26
C VAL B 46 -4.47 9.41 28.93
N THR B 47 -5.53 9.82 28.24
CA THR B 47 -5.98 9.12 27.04
C THR B 47 -5.88 10.04 25.83
N GLY B 48 -5.51 9.46 24.68
CA GLY B 48 -5.59 10.19 23.43
C GLY B 48 -6.50 9.48 22.44
N VAL B 49 -7.15 10.24 21.56
CA VAL B 49 -8.01 9.63 20.54
C VAL B 49 -7.57 10.05 19.14
N GLY B 50 -7.93 9.24 18.16
CA GLY B 50 -7.55 9.51 16.78
C GLY B 50 -8.50 8.83 15.80
N SER B 51 -8.24 9.01 14.51
CA SER B 51 -9.00 8.36 13.46
C SER B 51 -8.08 8.08 12.29
N PRO B 52 -8.14 6.88 11.71
CA PRO B 52 -7.39 6.53 10.49
C PRO B 52 -8.19 6.77 9.20
N SER B 53 -9.18 7.65 9.25
CA SER B 53 -9.94 8.06 8.07
C SER B 53 -10.73 6.89 7.46
N GLY B 54 -11.07 7.02 6.18
CA GLY B 54 -11.90 6.06 5.49
C GLY B 54 -12.27 6.62 4.13
N PRO B 55 -12.95 5.83 3.31
CA PRO B 55 -13.39 4.47 3.62
C PRO B 55 -12.27 3.43 3.54
N TYR B 56 -12.15 2.66 4.61
CA TYR B 56 -11.32 1.46 4.67
C TYR B 56 -12.11 0.47 5.52
N ASP B 57 -12.06 -0.81 5.17
CA ASP B 57 -12.82 -1.81 5.93
C ASP B 57 -12.54 -1.70 7.42
N LEU B 58 -13.61 -1.65 8.22
CA LEU B 58 -13.42 -1.40 9.64
C LEU B 58 -12.76 -2.56 10.40
N ALA B 59 -13.03 -3.79 9.97
CA ALA B 59 -12.41 -4.95 10.62
C ALA B 59 -10.92 -5.00 10.30
N VAL B 60 -10.55 -4.67 9.06
CA VAL B 60 -9.14 -4.60 8.69
C VAL B 60 -8.44 -3.55 9.55
N LEU B 61 -9.03 -2.37 9.66
CA LEU B 61 -8.45 -1.31 10.47
C LEU B 61 -8.33 -1.70 11.94
N LYS B 62 -9.40 -2.26 12.50
CA LYS B 62 -9.42 -2.62 13.92
C LYS B 62 -8.32 -3.64 14.23
N ARG B 63 -8.21 -4.66 13.40
CA ARG B 63 -7.18 -5.68 13.58
C ARG B 63 -5.79 -5.07 13.44
N ALA B 64 -5.57 -4.26 12.40
CA ALA B 64 -4.26 -3.66 12.23
C ALA B 64 -3.88 -2.80 13.42
N ILE B 65 -4.83 -2.03 13.93
CA ILE B 65 -4.54 -1.13 15.03
C ILE B 65 -4.33 -1.87 16.34
N GLU B 66 -5.23 -2.77 16.69
CA GLU B 66 -5.17 -3.44 18.00
C GLU B 66 -4.10 -4.53 18.06
N ASP B 67 -3.90 -5.23 16.96
CA ASP B 67 -3.13 -6.48 17.02
C ASP B 67 -1.85 -6.49 16.19
N VAL B 68 -1.65 -5.50 15.34
CA VAL B 68 -0.40 -5.39 14.61
C VAL B 68 0.41 -4.21 15.15
N ILE B 69 -0.19 -3.02 15.13
CA ILE B 69 0.47 -1.84 15.64
C ILE B 69 0.49 -1.83 17.18
N GLY B 70 -0.65 -2.10 17.79
CA GLY B 70 -0.79 -2.05 19.23
C GLY B 70 0.31 -2.74 20.02
N PRO B 71 0.64 -3.99 19.67
CA PRO B 71 1.68 -4.67 20.47
C PRO B 71 3.02 -3.95 20.47
N GLN B 72 3.29 -3.13 19.46
CA GLN B 72 4.54 -2.37 19.43
C GLN B 72 4.52 -1.17 20.37
N LEU B 73 3.33 -0.81 20.86
CA LEU B 73 3.16 0.35 21.71
C LEU B 73 3.00 0.01 23.20
N ILE B 74 2.45 -1.17 23.50
CA ILE B 74 2.17 -1.51 24.90
C ILE B 74 3.45 -1.47 25.72
N GLY B 75 3.43 -0.72 26.82
CA GLY B 75 4.57 -0.63 27.71
C GLY B 75 5.51 0.52 27.40
N GLU B 76 5.31 1.16 26.25
CA GLU B 76 6.15 2.27 25.81
C GLU B 76 5.70 3.61 26.37
N ASP B 77 6.64 4.53 26.54
CA ASP B 77 6.36 5.92 26.86
C ASP B 77 5.71 6.59 25.65
N PRO B 78 4.46 7.06 25.79
CA PRO B 78 3.79 7.65 24.62
C PRO B 78 4.40 8.98 24.19
N ALA B 79 5.24 9.59 25.04
CA ALA B 79 5.82 10.89 24.73
C ALA B 79 6.77 10.83 23.53
N ASN B 80 7.35 9.66 23.28
CA ASN B 80 8.32 9.51 22.19
C ASN B 80 7.61 9.17 20.88
N ILE B 81 6.83 10.11 20.38
CA ILE B 81 6.03 9.85 19.19
C ILE B 81 6.92 9.57 17.99
N ASN B 82 8.02 10.30 17.87
CA ASN B 82 8.93 10.07 16.76
C ASN B 82 9.54 8.67 16.78
N TYR B 83 10.04 8.24 17.93
CA TYR B 83 10.54 6.88 18.08
C TYR B 83 9.46 5.86 17.72
N LEU B 84 8.25 6.05 18.25
CA LEU B 84 7.20 5.06 18.03
C LEU B 84 6.73 4.96 16.57
N TRP B 85 6.75 6.07 15.85
CA TRP B 85 6.37 6.05 14.44
C TRP B 85 7.26 5.07 13.70
N HIS B 86 8.57 5.21 13.93
CA HIS B 86 9.54 4.38 13.25
C HIS B 86 9.58 2.95 13.74
N LYS B 87 9.36 2.77 15.04
CA LYS B 87 9.29 1.42 15.57
C LYS B 87 8.18 0.66 14.86
N VAL B 88 7.04 1.33 14.67
CA VAL B 88 5.89 0.71 14.03
C VAL B 88 6.09 0.50 12.53
N PHE B 89 6.58 1.52 11.84
CA PHE B 89 6.75 1.45 10.39
C PHE B 89 7.75 0.36 10.00
N HIS B 90 8.95 0.40 10.60
CA HIS B 90 9.99 -0.59 10.25
C HIS B 90 9.77 -1.94 10.91
N GLY B 91 9.13 -1.95 12.07
CA GLY B 91 8.92 -3.18 12.80
C GLY B 91 7.86 -4.06 12.15
N GLU B 92 6.79 -3.41 11.67
CA GLU B 92 5.62 -4.12 11.17
C GLU B 92 5.01 -3.61 9.86
N VAL B 93 4.70 -2.32 9.81
CA VAL B 93 3.71 -1.88 8.83
C VAL B 93 4.20 -1.87 7.37
N SER B 94 5.38 -1.33 7.14
CA SER B 94 5.88 -1.25 5.78
C SER B 94 5.88 -2.63 5.11
N ARG B 95 6.58 -3.58 5.70
CA ARG B 95 6.69 -4.90 5.08
C ARG B 95 5.41 -5.72 5.23
N ASN B 96 4.81 -5.69 6.42
CA ASN B 96 3.78 -6.67 6.74
C ASN B 96 2.36 -6.19 6.47
N LEU B 97 2.20 -4.90 6.17
CA LEU B 97 0.93 -4.41 5.66
C LEU B 97 1.06 -3.70 4.31
N GLY B 98 2.30 -3.45 3.86
CA GLY B 98 2.54 -2.80 2.58
C GLY B 98 2.89 -1.33 2.76
N HIS B 99 3.83 -0.84 1.96
CA HIS B 99 4.37 0.49 2.20
C HIS B 99 3.43 1.66 1.86
N ARG B 100 2.39 1.43 1.06
CA ARG B 100 1.43 2.49 0.71
C ARG B 100 0.03 1.92 0.86
N SER B 101 -0.45 1.86 2.10
CA SER B 101 -1.50 0.91 2.43
C SER B 101 -2.44 1.38 3.51
N VAL B 102 -3.51 0.61 3.68
CA VAL B 102 -4.40 0.74 4.84
C VAL B 102 -3.62 0.66 6.17
N GLY B 103 -2.48 -0.03 6.17
CA GLY B 103 -1.61 -0.03 7.34
C GLY B 103 -1.05 1.33 7.68
N ILE B 104 -0.71 2.11 6.65
CA ILE B 104 -0.26 3.47 6.85
C ILE B 104 -1.40 4.35 7.41
N ALA B 105 -2.62 4.17 6.90
CA ALA B 105 -3.76 4.88 7.46
C ALA B 105 -3.95 4.51 8.93
N ALA B 106 -3.90 3.20 9.23
CA ALA B 106 -3.99 2.72 10.61
C ALA B 106 -2.94 3.40 11.51
N MET B 107 -1.69 3.44 11.04
CA MET B 107 -0.62 4.14 11.78
C MET B 107 -0.98 5.59 12.03
N SER B 108 -1.63 6.19 11.03
CA SER B 108 -1.97 7.61 11.10
C SER B 108 -2.96 7.88 12.24
N GLY B 109 -3.95 7.01 12.37
CA GLY B 109 -4.93 7.13 13.44
C GLY B 109 -4.28 7.04 14.82
N VAL B 110 -3.33 6.12 14.93
CA VAL B 110 -2.61 5.91 16.19
C VAL B 110 -1.70 7.10 16.48
N ASP B 111 -1.01 7.59 15.45
CA ASP B 111 -0.16 8.76 15.57
C ASP B 111 -0.96 9.99 16.02
N ILE B 112 -2.13 10.20 15.43
CA ILE B 112 -2.97 11.31 15.85
C ILE B 112 -3.32 11.16 17.33
N ALA B 113 -3.69 9.95 17.75
CA ALA B 113 -4.02 9.70 19.15
C ALA B 113 -2.84 10.00 20.08
N LEU B 114 -1.61 9.68 19.64
CA LEU B 114 -0.43 10.02 20.45
C LEU B 114 -0.24 11.53 20.59
N TRP B 115 -0.50 12.28 19.52
CA TRP B 115 -0.41 13.74 19.58
C TRP B 115 -1.52 14.32 20.47
N ASP B 116 -2.71 13.76 20.38
CA ASP B 116 -3.82 14.17 21.23
C ASP B 116 -3.44 13.94 22.69
N LEU B 117 -2.91 12.76 22.98
CA LEU B 117 -2.47 12.41 24.32
C LEU B 117 -1.42 13.39 24.81
N LYS B 118 -0.43 13.68 23.96
CA LYS B 118 0.64 14.62 24.33
C LYS B 118 0.06 16.01 24.67
N GLY B 119 -0.83 16.52 23.82
CA GLY B 119 -1.46 17.79 24.09
C GLY B 119 -2.27 17.79 25.38
N ARG B 120 -2.99 16.70 25.62
CA ARG B 120 -3.76 16.60 26.86
C ARG B 120 -2.85 16.54 28.08
N ALA B 121 -1.76 15.79 27.99
CA ALA B 121 -0.77 15.72 29.07
C ALA B 121 -0.18 17.10 29.37
N MET B 122 0.04 17.89 28.32
CA MET B 122 0.66 19.21 28.45
C MET B 122 -0.36 20.31 28.69
N ASN B 123 -1.64 19.97 28.58
CA ASN B 123 -2.72 20.94 28.63
C ASN B 123 -2.56 22.05 27.59
N GLN B 124 -2.24 21.65 26.36
CA GLN B 124 -2.07 22.58 25.25
C GLN B 124 -2.72 22.04 23.98
N PRO B 125 -3.32 22.92 23.16
CA PRO B 125 -3.82 22.52 21.84
C PRO B 125 -2.63 22.07 20.98
N ILE B 126 -2.85 21.08 20.12
CA ILE B 126 -1.78 20.61 19.25
C ILE B 126 -1.12 21.77 18.47
N TYR B 127 -1.90 22.72 17.96
CA TYR B 127 -1.28 23.76 17.15
C TYR B 127 -0.25 24.57 17.94
N GLN B 128 -0.42 24.67 19.26
CA GLN B 128 0.57 25.40 20.06
C GLN B 128 1.90 24.63 20.13
N LEU B 129 1.82 23.30 20.21
CA LEU B 129 3.03 22.48 20.22
C LEU B 129 3.79 22.63 18.91
N LEU B 130 3.05 22.83 17.81
CA LEU B 130 3.63 22.91 16.47
C LEU B 130 4.18 24.28 16.13
N GLY B 131 4.43 25.09 17.16
CA GLY B 131 4.96 26.42 16.94
C GLY B 131 3.92 27.53 16.89
N GLY B 132 2.67 27.19 17.22
CA GLY B 132 1.60 28.16 17.22
C GLY B 132 1.06 28.49 15.83
N LYS B 133 0.11 29.41 15.79
CA LYS B 133 -0.53 29.74 14.54
C LYS B 133 0.36 30.51 13.58
N PHE B 134 0.21 30.20 12.30
CA PHE B 134 0.56 31.13 11.24
C PHE B 134 -0.67 31.94 10.86
N HIS B 135 -1.79 31.24 10.65
CA HIS B 135 -3.05 31.87 10.25
C HIS B 135 -3.79 32.38 11.48
N THR B 136 -3.30 33.48 12.04
CA THR B 136 -3.80 33.93 13.34
C THR B 136 -5.28 34.33 13.31
N ARG B 137 -5.76 34.80 12.17
CA ARG B 137 -7.14 35.27 12.05
C ARG B 137 -8.12 34.15 11.73
N GLY B 138 -7.58 32.98 11.38
CA GLY B 138 -8.40 31.85 10.97
C GLY B 138 -7.97 31.32 9.62
N VAL B 139 -8.57 30.19 9.24
CA VAL B 139 -8.17 29.39 8.09
C VAL B 139 -9.29 29.36 7.05
N ARG B 140 -9.00 29.80 5.83
CA ARG B 140 -10.00 29.82 4.77
C ARG B 140 -10.41 28.39 4.39
N ALA B 141 -11.71 28.14 4.40
CA ALA B 141 -12.24 26.80 4.12
C ALA B 141 -12.96 26.74 2.79
N TYR B 142 -13.10 25.53 2.27
CA TYR B 142 -13.94 25.32 1.10
C TYR B 142 -15.00 24.25 1.38
N ALA B 143 -16.16 24.39 0.75
CA ALA B 143 -17.25 23.45 0.90
C ALA B 143 -16.99 22.22 0.03
N SER B 144 -16.91 21.05 0.66
CA SER B 144 -16.57 19.81 -0.02
C SER B 144 -17.75 18.84 0.11
N SER B 145 -18.48 18.53 -0.96
CA SER B 145 -18.34 19.05 -2.32
C SER B 145 -19.73 19.02 -2.95
N ILE B 146 -19.85 19.63 -4.12
CA ILE B 146 -21.01 19.45 -4.99
C ILE B 146 -20.73 18.17 -5.80
N TYR B 147 -21.62 17.18 -5.69
CA TYR B 147 -21.38 15.86 -6.25
C TYR B 147 -22.00 15.65 -7.63
N TRP B 148 -21.89 14.43 -8.14
CA TRP B 148 -22.43 14.06 -9.44
C TRP B 148 -23.97 14.12 -9.44
N ASP B 149 -24.57 13.90 -10.61
CA ASP B 149 -26.03 13.73 -10.72
C ASP B 149 -26.86 15.02 -10.75
N LEU B 150 -26.21 16.16 -10.98
CA LEU B 150 -26.91 17.45 -11.00
C LEU B 150 -26.97 18.02 -12.42
N THR B 151 -27.94 18.88 -12.66
CA THR B 151 -27.99 19.70 -13.87
C THR B 151 -27.13 20.94 -13.65
N PRO B 152 -26.82 21.67 -14.73
CA PRO B 152 -26.02 22.88 -14.54
C PRO B 152 -26.68 23.93 -13.64
N ASP B 153 -28.00 24.12 -13.78
CA ASP B 153 -28.68 25.06 -12.90
C ASP B 153 -28.61 24.60 -11.45
N GLN B 154 -28.73 23.30 -11.23
CA GLN B 154 -28.62 22.73 -9.89
C GLN B 154 -27.23 22.95 -9.30
N ALA B 155 -26.20 22.70 -10.10
CA ALA B 155 -24.82 22.89 -9.62
C ALA B 155 -24.58 24.35 -9.27
N ALA B 156 -25.08 25.26 -10.11
CA ALA B 156 -24.90 26.68 -9.85
C ALA B 156 -25.66 27.12 -8.60
N ASP B 157 -26.87 26.61 -8.43
CA ASP B 157 -27.65 26.92 -7.23
C ASP B 157 -26.96 26.40 -5.96
N GLU B 158 -26.41 25.18 -6.02
CA GLU B 158 -25.72 24.64 -4.85
C GLU B 158 -24.50 25.50 -4.50
N LEU B 159 -23.75 25.92 -5.52
CA LEU B 159 -22.59 26.77 -5.27
C LEU B 159 -23.01 28.10 -4.66
N ALA B 160 -24.04 28.73 -5.23
CA ALA B 160 -24.53 29.98 -4.69
C ALA B 160 -24.97 29.82 -3.23
N GLY B 161 -25.54 28.66 -2.92
CA GLY B 161 -25.95 28.35 -1.57
C GLY B 161 -24.77 28.32 -0.59
N TRP B 162 -23.67 27.70 -0.99
CA TRP B 162 -22.49 27.66 -0.11
C TRP B 162 -21.89 29.06 0.07
N VAL B 163 -21.91 29.84 -1.00
CA VAL B 163 -21.43 31.22 -0.92
C VAL B 163 -22.28 32.02 0.07
N GLU B 164 -23.60 31.83 0.01
CA GLU B 164 -24.52 32.50 0.93
C GLU B 164 -24.24 32.13 2.39
N GLN B 165 -23.80 30.90 2.60
CA GLN B 165 -23.46 30.43 3.94
C GLN B 165 -22.12 30.97 4.43
N GLY B 166 -21.38 31.64 3.55
CA GLY B 166 -20.11 32.24 3.92
C GLY B 166 -18.86 31.65 3.29
N PHE B 167 -19.01 30.56 2.54
CA PHE B 167 -17.83 29.98 1.89
C PHE B 167 -17.32 30.86 0.75
N THR B 168 -16.00 30.98 0.65
CA THR B 168 -15.35 31.73 -0.42
C THR B 168 -14.82 30.79 -1.50
N ALA B 169 -15.08 29.50 -1.32
CA ALA B 169 -14.55 28.45 -2.20
C ALA B 169 -15.38 27.20 -2.04
N ALA B 170 -15.48 26.41 -3.11
CA ALA B 170 -16.17 25.12 -3.06
C ALA B 170 -15.63 24.20 -4.13
N LYS B 171 -15.90 22.90 -3.98
CA LYS B 171 -15.37 21.88 -4.89
C LYS B 171 -16.50 21.13 -5.59
N LEU B 172 -16.27 20.84 -6.87
CA LEU B 172 -17.19 20.08 -7.71
C LEU B 172 -16.59 18.73 -8.10
N LYS B 173 -17.35 17.67 -7.94
CA LYS B 173 -16.94 16.35 -8.42
C LYS B 173 -17.23 16.21 -9.90
N VAL B 174 -16.26 15.64 -10.62
CA VAL B 174 -16.38 15.47 -12.08
C VAL B 174 -15.86 14.09 -12.48
N GLY B 175 -16.00 13.75 -13.76
CA GLY B 175 -15.31 12.61 -14.30
C GLY B 175 -16.16 11.55 -14.97
N ARG B 176 -17.45 11.50 -14.65
CA ARG B 176 -18.32 10.51 -15.29
C ARG B 176 -18.79 10.97 -16.66
N ALA B 177 -19.16 12.24 -16.76
CA ALA B 177 -19.68 12.80 -18.01
C ALA B 177 -19.08 14.18 -18.25
N PRO B 178 -17.88 14.22 -18.85
CA PRO B 178 -17.16 15.50 -18.99
C PRO B 178 -17.92 16.63 -19.66
N ARG B 179 -18.84 16.34 -20.59
CA ARG B 179 -19.63 17.41 -21.20
C ARG B 179 -20.57 18.04 -20.18
N LYS B 180 -21.15 17.22 -19.32
CA LYS B 180 -22.01 17.73 -18.25
C LYS B 180 -21.16 18.48 -17.21
N ASP B 181 -19.99 17.93 -16.89
CA ASP B 181 -19.08 18.60 -15.95
C ASP B 181 -18.77 20.01 -16.46
N ALA B 182 -18.46 20.13 -17.75
CA ALA B 182 -18.16 21.42 -18.34
C ALA B 182 -19.35 22.38 -18.25
N ALA B 183 -20.54 21.88 -18.56
CA ALA B 183 -21.72 22.72 -18.47
C ALA B 183 -21.99 23.19 -17.03
N ASN B 184 -21.78 22.29 -16.07
CA ASN B 184 -21.93 22.64 -14.66
C ASN B 184 -20.96 23.76 -14.27
N LEU B 185 -19.70 23.59 -14.64
N LEU B 185 -19.71 23.59 -14.67
CA LEU B 185 -18.67 24.59 -14.31
CA LEU B 185 -18.66 24.55 -14.32
C LEU B 185 -18.98 25.94 -14.92
C LEU B 185 -18.94 25.92 -14.93
N ARG B 186 -19.38 25.95 -16.18
CA ARG B 186 -19.66 27.20 -16.85
C ARG B 186 -20.82 27.92 -16.16
N ALA B 187 -21.85 27.18 -15.79
CA ALA B 187 -23.00 27.77 -15.11
C ALA B 187 -22.61 28.28 -13.72
N MET B 188 -21.80 27.49 -13.02
CA MET B 188 -21.30 27.88 -11.71
C MET B 188 -20.52 29.18 -11.74
N ARG B 189 -19.56 29.28 -12.65
CA ARG B 189 -18.72 30.47 -12.72
C ARG B 189 -19.54 31.70 -13.10
N GLN B 190 -20.49 31.53 -14.02
CA GLN B 190 -21.32 32.65 -14.43
C GLN B 190 -22.14 33.17 -13.25
N ARG B 191 -22.60 32.24 -12.42
N ARG B 191 -22.59 32.25 -12.40
CA ARG B 191 -23.42 32.59 -11.25
CA ARG B 191 -23.43 32.59 -11.27
C ARG B 191 -22.67 33.44 -10.23
C ARG B 191 -22.71 33.38 -10.17
N VAL B 192 -21.49 32.99 -9.84
CA VAL B 192 -20.80 33.60 -8.69
C VAL B 192 -19.76 34.67 -9.03
N GLY B 193 -19.37 34.76 -10.29
CA GLY B 193 -18.35 35.72 -10.68
C GLY B 193 -16.95 35.23 -10.28
N ALA B 194 -15.98 36.13 -10.34
CA ALA B 194 -14.57 35.74 -10.20
C ALA B 194 -14.02 35.65 -8.78
N ASP B 195 -14.77 36.12 -7.78
CA ASP B 195 -14.23 36.20 -6.42
C ASP B 195 -14.44 34.94 -5.58
N VAL B 196 -15.03 33.92 -6.18
CA VAL B 196 -15.22 32.65 -5.49
C VAL B 196 -14.32 31.62 -6.16
N GLU B 197 -13.59 30.86 -5.37
CA GLU B 197 -12.72 29.84 -5.96
C GLU B 197 -13.52 28.57 -6.22
N ILE B 198 -13.35 28.01 -7.40
CA ILE B 198 -14.00 26.76 -7.78
C ILE B 198 -12.93 25.70 -7.99
N LEU B 199 -13.01 24.64 -7.20
CA LEU B 199 -12.08 23.51 -7.25
C LEU B 199 -12.78 22.37 -7.94
N VAL B 200 -12.01 21.49 -8.58
N VAL B 200 -12.06 21.53 -8.68
CA VAL B 200 -12.56 20.36 -9.34
CA VAL B 200 -12.70 20.34 -9.19
C VAL B 200 -11.85 19.05 -8.96
C VAL B 200 -11.93 19.11 -8.74
N ASP B 201 -12.61 17.96 -8.77
CA ASP B 201 -12.06 16.71 -8.27
C ASP B 201 -12.61 15.56 -9.11
N ALA B 202 -11.74 14.89 -9.84
CA ALA B 202 -12.14 13.81 -10.74
C ALA B 202 -12.04 12.42 -10.12
N ASN B 203 -11.52 12.30 -8.91
CA ASN B 203 -11.38 10.99 -8.24
C ASN B 203 -10.75 9.91 -9.14
N GLN B 204 -9.69 10.30 -9.86
CA GLN B 204 -8.90 9.37 -10.68
C GLN B 204 -9.68 8.81 -11.88
N SER B 205 -10.72 9.50 -12.31
N SER B 205 -10.72 9.50 -12.30
CA SER B 205 -11.64 8.91 -13.28
CA SER B 205 -11.66 8.96 -13.28
C SER B 205 -11.38 9.26 -14.73
C SER B 205 -11.22 9.07 -14.73
N LEU B 206 -10.30 9.97 -15.00
CA LEU B 206 -9.97 10.31 -16.39
C LEU B 206 -8.66 9.72 -16.86
N GLY B 207 -8.57 9.44 -18.15
CA GLY B 207 -7.28 9.19 -18.79
C GLY B 207 -6.61 10.49 -19.19
N ARG B 208 -5.38 10.39 -19.68
CA ARG B 208 -4.59 11.58 -19.99
C ARG B 208 -5.23 12.52 -20.99
N HIS B 209 -5.73 11.99 -22.10
CA HIS B 209 -6.24 12.87 -23.14
C HIS B 209 -7.53 13.58 -22.74
N ASP B 210 -8.41 12.84 -22.08
CA ASP B 210 -9.62 13.47 -21.55
C ASP B 210 -9.27 14.48 -20.45
N ALA B 211 -8.23 14.21 -19.67
CA ALA B 211 -7.82 15.18 -18.65
C ALA B 211 -7.24 16.44 -19.27
N LEU B 212 -6.48 16.31 -20.35
CA LEU B 212 -5.98 17.47 -21.07
C LEU B 212 -7.14 18.30 -21.64
N ALA B 213 -8.14 17.63 -22.20
CA ALA B 213 -9.33 18.32 -22.70
C ALA B 213 -10.04 19.04 -21.57
N MET B 214 -10.21 18.37 -20.44
N MET B 214 -10.22 18.37 -20.44
CA MET B 214 -10.90 19.02 -19.34
CA MET B 214 -10.86 18.95 -19.27
C MET B 214 -10.11 20.19 -18.75
C MET B 214 -10.11 20.16 -18.77
N LEU B 215 -8.78 20.04 -18.70
CA LEU B 215 -7.93 21.13 -18.19
C LEU B 215 -8.13 22.43 -18.97
N ARG B 216 -8.33 22.33 -20.28
CA ARG B 216 -8.63 23.53 -21.07
C ARG B 216 -9.88 24.24 -20.55
N ILE B 217 -10.91 23.47 -20.19
N ILE B 217 -10.90 23.44 -20.23
CA ILE B 217 -12.13 24.07 -19.70
CA ILE B 217 -12.16 23.94 -19.67
C ILE B 217 -11.98 24.58 -18.26
C ILE B 217 -11.91 24.60 -18.32
N LEU B 218 -11.18 23.90 -17.45
CA LEU B 218 -10.91 24.40 -16.10
C LEU B 218 -10.16 25.72 -16.17
N ASP B 219 -9.23 25.82 -17.11
CA ASP B 219 -8.47 27.06 -17.31
C ASP B 219 -9.42 28.19 -17.73
N GLU B 220 -10.28 27.92 -18.70
CA GLU B 220 -11.27 28.90 -19.14
C GLU B 220 -12.12 29.40 -17.97
N ALA B 221 -12.50 28.48 -17.09
CA ALA B 221 -13.34 28.81 -15.94
C ALA B 221 -12.56 29.33 -14.73
N GLY B 222 -11.23 29.46 -14.87
CA GLY B 222 -10.42 29.98 -13.79
C GLY B 222 -10.42 29.14 -12.53
N CYS B 223 -10.48 27.82 -12.69
CA CYS B 223 -10.52 26.93 -11.54
C CYS B 223 -9.23 26.95 -10.72
N TYR B 224 -9.38 26.80 -9.40
CA TYR B 224 -8.25 26.86 -8.48
C TYR B 224 -7.34 25.63 -8.59
N TRP B 225 -7.94 24.44 -8.61
CA TRP B 225 -7.18 23.22 -8.78
C TRP B 225 -7.98 22.12 -9.43
N PHE B 226 -7.25 21.13 -9.93
CA PHE B 226 -7.76 19.93 -10.60
C PHE B 226 -7.22 18.78 -9.77
N GLU B 227 -8.09 18.18 -8.97
CA GLU B 227 -7.71 17.19 -7.97
C GLU B 227 -7.94 15.77 -8.50
N GLU B 228 -6.98 14.88 -8.20
CA GLU B 228 -6.98 13.49 -8.71
C GLU B 228 -7.49 13.43 -10.14
N PRO B 229 -6.84 14.16 -11.05
CA PRO B 229 -7.30 14.15 -12.45
C PRO B 229 -7.14 12.76 -13.09
N LEU B 230 -6.14 12.02 -12.62
CA LEU B 230 -5.75 10.73 -13.20
C LEU B 230 -5.56 9.73 -12.08
N SER B 231 -5.42 8.46 -12.46
CA SER B 231 -4.91 7.45 -11.53
C SER B 231 -3.70 7.99 -10.78
N ILE B 232 -3.68 7.80 -9.46
N ILE B 232 -3.68 7.79 -9.46
CA ILE B 232 -2.51 8.18 -8.67
CA ILE B 232 -2.51 8.20 -8.68
C ILE B 232 -1.26 7.45 -9.13
C ILE B 232 -1.26 7.40 -9.05
N ASP B 233 -1.43 6.33 -9.82
CA ASP B 233 -0.31 5.51 -10.26
C ASP B 233 0.39 6.07 -11.49
N ASP B 234 -0.22 7.07 -12.13
CA ASP B 234 0.34 7.65 -13.35
C ASP B 234 1.01 8.99 -13.04
N ILE B 235 2.22 8.94 -12.51
CA ILE B 235 2.93 10.18 -12.18
C ILE B 235 3.23 11.04 -13.41
N GLU B 236 3.69 10.39 -14.48
CA GLU B 236 4.03 11.11 -15.71
C GLU B 236 2.84 11.87 -16.28
N GLY B 237 1.63 11.28 -16.22
CA GLY B 237 0.46 11.98 -16.69
C GLY B 237 0.21 13.28 -15.95
N HIS B 238 0.50 13.31 -14.65
CA HIS B 238 0.34 14.53 -13.88
C HIS B 238 1.38 15.57 -14.30
N ARG B 239 2.61 15.13 -14.58
CA ARG B 239 3.60 16.03 -15.15
C ARG B 239 3.13 16.65 -16.46
N ILE B 240 2.54 15.83 -17.32
CA ILE B 240 2.02 16.32 -18.60
C ILE B 240 0.98 17.42 -18.38
N LEU B 241 0.06 17.21 -17.46
CA LEU B 241 -0.95 18.24 -17.16
C LEU B 241 -0.29 19.51 -16.64
N ARG B 242 0.63 19.35 -15.70
CA ARG B 242 1.29 20.50 -15.10
C ARG B 242 2.13 21.26 -16.13
N ALA B 243 2.72 20.52 -17.07
CA ALA B 243 3.56 21.10 -18.10
C ALA B 243 2.79 22.00 -19.07
N GLN B 244 1.46 21.98 -19.03
CA GLN B 244 0.69 22.87 -19.89
C GLN B 244 0.81 24.33 -19.43
N GLY B 245 1.31 24.54 -18.22
CA GLY B 245 1.62 25.88 -17.74
C GLY B 245 0.40 26.76 -17.49
N THR B 246 -0.71 26.15 -17.12
CA THR B 246 -1.92 26.93 -16.82
C THR B 246 -1.89 27.40 -15.38
N PRO B 247 -2.75 28.39 -15.05
CA PRO B 247 -2.89 28.78 -13.66
C PRO B 247 -3.69 27.80 -12.80
N VAL B 248 -4.15 26.70 -13.39
CA VAL B 248 -4.89 25.69 -12.63
C VAL B 248 -3.89 24.75 -11.96
N ARG B 249 -3.95 24.65 -10.63
CA ARG B 249 -3.05 23.77 -9.89
C ARG B 249 -3.40 22.30 -10.08
N ILE B 250 -2.38 21.45 -10.25
CA ILE B 250 -2.58 20.02 -10.28
C ILE B 250 -2.44 19.50 -8.84
N ALA B 251 -3.50 18.89 -8.31
CA ALA B 251 -3.57 18.49 -6.91
C ALA B 251 -3.84 17.00 -6.78
N THR B 252 -3.13 16.34 -5.88
CA THR B 252 -3.44 14.97 -5.53
C THR B 252 -2.85 14.64 -4.16
N GLY B 253 -3.39 13.62 -3.50
CA GLY B 253 -2.74 13.15 -2.30
C GLY B 253 -3.55 12.31 -1.33
N GLU B 254 -4.88 12.33 -1.42
CA GLU B 254 -5.65 11.53 -0.47
C GLU B 254 -5.35 10.04 -0.60
N ASN B 255 -4.90 9.60 -1.77
CA ASN B 255 -4.64 8.18 -1.97
C ASN B 255 -3.17 7.85 -2.18
N LEU B 256 -2.30 8.80 -1.81
CA LEU B 256 -0.85 8.61 -1.83
C LEU B 256 -0.40 8.58 -0.38
N TYR B 257 0.62 7.76 -0.10
CA TYR B 257 1.02 7.49 1.29
C TYR B 257 2.48 7.81 1.55
N THR B 258 2.72 8.47 2.68
CA THR B 258 4.06 8.87 3.18
C THR B 258 4.70 9.95 2.33
N ARG B 259 5.74 10.54 2.90
CA ARG B 259 6.49 11.56 2.19
C ARG B 259 7.15 11.00 0.93
N ASN B 260 7.34 9.68 0.86
CA ASN B 260 8.00 9.07 -0.29
C ASN B 260 7.19 9.21 -1.56
N ALA B 261 5.87 9.09 -1.44
CA ALA B 261 5.00 9.26 -2.61
C ALA B 261 5.14 10.68 -3.15
N PHE B 262 5.08 11.65 -2.25
CA PHE B 262 5.10 13.04 -2.67
C PHE B 262 6.47 13.45 -3.20
N ASN B 263 7.54 12.89 -2.64
CA ASN B 263 8.86 13.12 -3.18
C ASN B 263 8.95 12.66 -4.63
N ASP B 264 8.35 11.51 -4.93
CA ASP B 264 8.37 11.02 -6.30
C ASP B 264 7.63 11.98 -7.24
N TYR B 265 6.49 12.50 -6.80
CA TYR B 265 5.76 13.47 -7.61
C TYR B 265 6.59 14.74 -7.81
N ILE B 266 7.19 15.25 -6.73
CA ILE B 266 8.01 16.46 -6.82
C ILE B 266 9.21 16.27 -7.76
N ARG B 267 9.90 15.15 -7.63
N ARG B 267 9.90 15.15 -7.62
CA ARG B 267 11.08 14.88 -8.46
CA ARG B 267 11.07 14.85 -8.45
C ARG B 267 10.74 14.78 -9.93
C ARG B 267 10.72 14.87 -9.92
N ASN B 268 9.47 14.50 -10.23
CA ASN B 268 9.02 14.42 -11.60
C ASN B 268 8.23 15.64 -12.07
N ASP B 269 8.30 16.72 -11.30
CA ASP B 269 7.62 17.97 -11.67
C ASP B 269 6.13 17.74 -11.93
N ALA B 270 5.52 16.90 -11.11
CA ALA B 270 4.20 16.37 -11.39
C ALA B 270 3.11 16.87 -10.45
N ILE B 271 3.40 17.84 -9.58
CA ILE B 271 2.40 18.24 -8.59
C ILE B 271 2.53 19.71 -8.18
N ASP B 272 1.39 20.37 -8.03
CA ASP B 272 1.34 21.73 -7.49
C ASP B 272 0.88 21.76 -6.04
N VAL B 273 -0.11 20.93 -5.73
CA VAL B 273 -0.73 20.90 -4.42
C VAL B 273 -0.69 19.48 -3.87
N LEU B 274 0.09 19.30 -2.80
CA LEU B 274 0.18 18.02 -2.11
C LEU B 274 -0.98 17.95 -1.13
N GLN B 275 -1.77 16.87 -1.19
CA GLN B 275 -2.98 16.76 -0.35
C GLN B 275 -2.90 15.69 0.72
N ALA B 276 -1.68 15.31 1.11
CA ALA B 276 -1.47 14.36 2.19
C ALA B 276 -2.34 14.71 3.39
N ASP B 277 -3.14 13.73 3.83
CA ASP B 277 -4.06 13.86 4.96
C ASP B 277 -3.34 13.29 6.19
N ALA B 278 -3.30 14.06 7.28
CA ALA B 278 -2.66 13.57 8.50
C ALA B 278 -3.22 12.23 8.96
N SER B 279 -4.50 11.98 8.67
CA SER B 279 -5.15 10.75 9.10
C SER B 279 -5.04 9.57 8.13
N ARG B 280 -4.34 9.77 7.02
CA ARG B 280 -4.17 8.72 6.01
C ARG B 280 -2.70 8.48 5.64
N ALA B 281 -1.94 9.55 5.48
CA ALA B 281 -0.63 9.47 4.83
C ALA B 281 0.51 9.12 5.79
N GLY B 282 0.20 8.98 7.07
CA GLY B 282 1.16 8.55 8.08
C GLY B 282 0.98 9.17 9.46
N GLY B 283 0.11 10.16 9.62
CA GLY B 283 -0.08 10.78 10.92
C GLY B 283 0.19 12.27 10.88
N ILE B 284 -0.05 12.93 12.00
CA ILE B 284 0.43 14.29 12.17
C ILE B 284 1.94 14.34 11.97
N THR B 285 2.66 13.35 12.50
CA THR B 285 4.11 13.31 12.39
C THR B 285 4.53 13.36 10.92
N GLU B 286 3.85 12.56 10.09
CA GLU B 286 4.22 12.47 8.70
C GLU B 286 3.72 13.67 7.89
N ALA B 287 2.50 14.14 8.16
CA ALA B 287 1.99 15.33 7.47
C ALA B 287 2.85 16.57 7.72
N LEU B 288 3.40 16.71 8.92
CA LEU B 288 4.32 17.82 9.21
C LEU B 288 5.49 17.83 8.25
N ALA B 289 6.06 16.65 8.03
CA ALA B 289 7.21 16.52 7.15
C ALA B 289 6.81 16.82 5.72
N ILE B 290 5.64 16.36 5.33
CA ILE B 290 5.19 16.57 3.95
C ILE B 290 4.91 18.05 3.69
N SER B 291 4.28 18.71 4.65
CA SER B 291 4.02 20.13 4.54
C SER B 291 5.33 20.93 4.37
N ALA B 292 6.33 20.60 5.18
CA ALA B 292 7.64 21.24 5.09
C ALA B 292 8.29 20.99 3.74
N SER B 293 8.20 19.77 3.26
N SER B 293 8.20 19.76 3.25
CA SER B 293 8.82 19.39 1.99
CA SER B 293 8.81 19.39 1.97
C SER B 293 8.15 20.11 0.81
C SER B 293 8.16 20.17 0.83
N ALA B 294 6.84 20.31 0.89
CA ALA B 294 6.12 21.08 -0.13
C ALA B 294 6.66 22.50 -0.16
N ALA B 295 6.78 23.14 1.00
CA ALA B 295 7.26 24.50 1.07
C ALA B 295 8.69 24.63 0.52
N SER B 296 9.54 23.67 0.85
N SER B 296 9.53 23.66 0.84
CA SER B 296 10.91 23.68 0.35
CA SER B 296 10.91 23.65 0.37
C SER B 296 10.96 23.70 -1.17
C SER B 296 10.98 23.66 -1.16
N ALA B 297 10.03 22.98 -1.79
CA ALA B 297 9.96 22.89 -3.25
C ALA B 297 9.16 24.01 -3.89
N HIS B 298 8.71 24.99 -3.08
CA HIS B 298 7.89 26.10 -3.56
C HIS B 298 6.54 25.64 -4.09
N LEU B 299 6.01 24.61 -3.45
CA LEU B 299 4.70 24.04 -3.75
C LEU B 299 3.80 24.20 -2.52
N ALA B 300 2.54 23.80 -2.63
CA ALA B 300 1.59 23.98 -1.54
C ALA B 300 1.20 22.65 -0.93
N TRP B 301 0.90 22.66 0.36
CA TRP B 301 0.26 21.54 1.05
C TRP B 301 -1.12 22.01 1.51
N ASN B 302 -2.15 21.39 0.98
CA ASN B 302 -3.54 21.64 1.36
C ASN B 302 -4.15 20.25 1.54
N PRO B 303 -4.28 19.79 2.79
CA PRO B 303 -4.64 18.39 3.00
C PRO B 303 -6.06 18.04 2.58
N HIS B 304 -6.23 16.81 2.14
CA HIS B 304 -7.51 16.13 2.20
C HIS B 304 -7.85 15.94 3.68
N THR B 305 -9.13 16.11 4.04
CA THR B 305 -9.53 16.01 5.45
C THR B 305 -10.81 15.18 5.66
N PHE B 306 -11.33 14.59 4.58
CA PHE B 306 -12.72 14.13 4.50
C PHE B 306 -12.89 12.73 5.08
N ASN B 307 -13.44 12.66 6.29
CA ASN B 307 -14.00 11.42 6.85
C ASN B 307 -14.81 11.67 8.11
N ASP B 308 -14.25 12.40 9.06
CA ASP B 308 -14.93 12.63 10.31
C ASP B 308 -14.34 13.86 11.00
N ILE B 309 -14.92 14.27 12.12
CA ILE B 309 -14.48 15.51 12.76
C ILE B 309 -13.05 15.41 13.32
N ILE B 310 -12.60 14.19 13.62
CA ILE B 310 -11.24 14.02 14.11
C ILE B 310 -10.24 14.20 12.97
N THR B 311 -10.52 13.62 11.81
CA THR B 311 -9.62 13.84 10.68
C THR B 311 -9.60 15.32 10.30
N VAL B 312 -10.76 15.98 10.37
CA VAL B 312 -10.80 17.42 10.12
C VAL B 312 -9.96 18.18 11.15
N ALA B 313 -10.19 17.92 12.43
CA ALA B 313 -9.47 18.65 13.48
C ALA B 313 -7.96 18.42 13.44
N ALA B 314 -7.54 17.18 13.22
CA ALA B 314 -6.11 16.88 13.20
C ALA B 314 -5.41 17.71 12.13
N ASN B 315 -5.97 17.71 10.92
CA ASN B 315 -5.42 18.52 9.85
C ASN B 315 -5.50 20.02 10.11
N LEU B 316 -6.60 20.47 10.72
CA LEU B 316 -6.78 21.89 10.97
C LEU B 316 -5.72 22.46 11.93
N HIS B 317 -5.35 21.70 12.95
CA HIS B 317 -4.25 22.14 13.82
C HIS B 317 -2.98 22.41 13.00
N LEU B 318 -2.67 21.50 12.09
CA LEU B 318 -1.48 21.64 11.26
C LEU B 318 -1.61 22.79 10.27
N VAL B 319 -2.77 22.88 9.63
CA VAL B 319 -3.00 23.93 8.64
C VAL B 319 -2.92 25.31 9.29
N ALA B 320 -3.49 25.44 10.48
CA ALA B 320 -3.45 26.72 11.19
C ALA B 320 -2.01 27.14 11.47
N ALA B 321 -1.15 26.16 11.70
CA ALA B 321 0.24 26.44 12.04
C ALA B 321 1.16 26.61 10.84
N SER B 322 0.63 26.32 9.65
N SER B 322 0.64 26.29 9.65
CA SER B 322 1.45 26.30 8.45
CA SER B 322 1.48 26.27 8.45
C SER B 322 1.32 27.57 7.60
C SER B 322 1.33 27.54 7.60
N PRO B 323 2.45 28.04 7.05
CA PRO B 323 2.43 29.23 6.18
C PRO B 323 1.82 29.00 4.79
N HIS B 324 1.44 27.78 4.46
CA HIS B 324 0.81 27.54 3.16
C HIS B 324 -0.50 28.33 3.05
N PRO B 325 -0.80 28.82 1.85
CA PRO B 325 -2.10 29.50 1.64
C PRO B 325 -3.20 28.53 2.01
N ALA B 326 -4.19 29.00 2.76
CA ALA B 326 -5.25 28.11 3.23
C ALA B 326 -6.29 27.79 2.17
N MET B 327 -6.62 26.52 2.04
CA MET B 327 -7.72 26.09 1.19
C MET B 327 -8.22 24.81 1.86
N PHE B 328 -8.91 25.00 2.98
CA PHE B 328 -9.12 23.92 3.94
C PHE B 328 -10.41 23.16 3.68
N GLU B 329 -10.28 21.86 3.43
CA GLU B 329 -11.43 21.02 3.08
C GLU B 329 -12.41 20.85 4.23
N TRP B 330 -13.67 21.21 3.99
CA TRP B 330 -14.72 20.99 4.99
C TRP B 330 -15.90 20.20 4.39
N ASP B 331 -16.02 18.95 4.81
CA ASP B 331 -17.10 18.04 4.43
C ASP B 331 -18.45 18.64 4.80
N ILE B 332 -19.27 18.97 3.80
CA ILE B 332 -20.61 19.52 4.05
C ILE B 332 -21.71 18.52 3.73
N THR B 333 -21.33 17.28 3.46
CA THR B 333 -22.31 16.24 3.14
C THR B 333 -22.92 15.65 4.41
N HIS B 334 -23.95 14.84 4.26
CA HIS B 334 -24.60 14.25 5.42
C HIS B 334 -23.63 13.33 6.16
N ASN B 335 -23.32 13.67 7.41
CA ASN B 335 -22.30 12.93 8.13
C ASN B 335 -22.41 13.17 9.63
N ASP B 336 -23.03 12.22 10.32
CA ASP B 336 -23.16 12.31 11.78
C ASP B 336 -21.79 12.39 12.48
N LEU B 337 -20.74 11.86 11.84
CA LEU B 337 -19.41 11.90 12.43
C LEU B 337 -18.79 13.30 12.39
N MET B 338 -19.42 14.20 11.63
CA MET B 338 -19.02 15.61 11.60
C MET B 338 -19.76 16.45 12.64
N THR B 339 -20.91 15.97 13.09
CA THR B 339 -21.78 16.80 13.93
C THR B 339 -22.00 16.28 15.35
N ARG B 340 -22.00 14.96 15.51
CA ARG B 340 -22.47 14.36 16.77
C ARG B 340 -21.41 13.62 17.57
N LEU B 341 -20.22 13.42 16.99
CA LEU B 341 -19.17 12.69 17.68
C LEU B 341 -18.51 13.53 18.75
N ALA B 342 -18.34 14.82 18.48
CA ALA B 342 -17.60 15.69 19.38
C ALA B 342 -18.19 17.08 19.54
N SER B 343 -17.67 17.81 20.52
CA SER B 343 -18.19 19.12 20.89
C SER B 343 -17.72 20.26 19.98
N TYR B 344 -16.89 19.93 19.00
CA TYR B 344 -16.40 20.93 18.05
C TYR B 344 -17.16 20.90 16.72
N ASP B 345 -17.64 22.06 16.27
CA ASP B 345 -18.52 22.18 15.11
C ASP B 345 -18.07 23.24 14.10
N LEU B 346 -18.68 23.24 12.91
CA LEU B 346 -18.39 24.26 11.90
C LEU B 346 -18.85 25.63 12.34
N LYS B 347 -17.91 26.55 12.43
CA LYS B 347 -18.22 27.94 12.70
C LYS B 347 -17.43 28.76 11.70
N LEU B 348 -18.14 29.27 10.71
CA LEU B 348 -17.54 29.98 9.62
C LEU B 348 -17.71 31.47 9.86
N GLU B 349 -16.60 32.19 9.91
CA GLU B 349 -16.63 33.64 10.11
C GLU B 349 -15.78 34.34 9.06
N ASN B 350 -16.42 35.15 8.21
CA ASN B 350 -15.73 35.75 7.09
C ASN B 350 -15.00 34.71 6.25
N GLY B 351 -15.63 33.55 6.11
CA GLY B 351 -15.09 32.47 5.29
C GLY B 351 -14.00 31.65 5.95
N LEU B 352 -13.70 31.94 7.22
CA LEU B 352 -12.62 31.27 7.94
C LEU B 352 -13.14 30.39 9.07
N VAL B 353 -12.38 29.34 9.37
CA VAL B 353 -12.59 28.52 10.56
C VAL B 353 -11.41 28.67 11.51
N GLN B 354 -11.60 28.31 12.78
CA GLN B 354 -10.53 28.33 13.77
C GLN B 354 -10.37 26.93 14.34
N PRO B 355 -9.13 26.51 14.64
CA PRO B 355 -8.94 25.19 15.23
C PRO B 355 -9.56 25.15 16.62
N PRO B 356 -9.92 23.95 17.10
CA PRO B 356 -10.40 23.80 18.47
C PRO B 356 -9.37 24.37 19.45
N GLN B 357 -9.84 24.95 20.54
CA GLN B 357 -8.93 25.62 21.48
C GLN B 357 -8.59 24.81 22.74
N GLY B 358 -9.22 23.65 22.91
CA GLY B 358 -8.91 22.80 24.05
C GLY B 358 -7.56 22.07 23.94
N PRO B 359 -7.20 21.30 24.97
CA PRO B 359 -5.95 20.55 24.94
C PRO B 359 -5.98 19.42 23.91
N GLY B 360 -4.82 19.10 23.34
CA GLY B 360 -4.75 18.05 22.34
C GLY B 360 -5.49 18.43 21.08
N LEU B 361 -6.34 17.52 20.59
CA LEU B 361 -7.21 17.86 19.45
C LEU B 361 -8.19 18.97 19.79
N GLY B 362 -8.51 19.12 21.07
CA GLY B 362 -9.19 20.31 21.54
C GLY B 362 -10.69 20.24 21.79
N PHE B 363 -11.22 19.03 21.80
CA PHE B 363 -12.63 18.83 22.12
C PHE B 363 -12.83 17.51 22.87
N GLU B 364 -14.04 17.31 23.37
CA GLU B 364 -14.35 16.07 24.08
C GLU B 364 -15.23 15.18 23.20
N ILE B 365 -15.01 13.87 23.32
CA ILE B 365 -15.82 12.89 22.63
C ILE B 365 -17.14 12.63 23.37
N ASP B 366 -18.23 12.48 22.62
CA ASP B 366 -19.49 12.06 23.22
C ASP B 366 -19.52 10.54 23.25
N TRP B 367 -19.14 9.97 24.38
CA TRP B 367 -18.99 8.53 24.47
C TRP B 367 -20.33 7.80 24.44
N ASP B 368 -21.42 8.50 24.74
CA ASP B 368 -22.75 7.92 24.62
C ASP B 368 -23.08 7.73 23.14
N PHE B 369 -22.76 8.73 22.33
CA PHE B 369 -22.89 8.60 20.88
C PHE B 369 -22.04 7.43 20.36
N VAL B 370 -20.80 7.34 20.83
CA VAL B 370 -19.92 6.24 20.42
C VAL B 370 -20.56 4.89 20.73
N ALA B 371 -21.05 4.73 21.95
CA ALA B 371 -21.66 3.47 22.37
C ALA B 371 -22.87 3.09 21.53
N ALA B 372 -23.60 4.10 21.06
CA ALA B 372 -24.84 3.88 20.34
C ALA B 372 -24.64 3.62 18.84
N HIS B 373 -23.39 3.70 18.37
CA HIS B 373 -23.14 3.56 16.95
C HIS B 373 -22.10 2.51 16.59
N ALA B 374 -22.06 1.44 17.38
CA ALA B 374 -21.20 0.31 17.06
C ALA B 374 -21.51 -0.23 15.67
N TRP B 375 -20.45 -0.45 14.89
CA TRP B 375 -20.56 -1.07 13.58
C TRP B 375 -21.14 -2.47 13.68
N LYS B 376 -22.05 -2.80 12.78
CA LYS B 376 -22.66 -4.14 12.73
C LYS B 376 -22.47 -4.79 11.35
N GLY B 377 -21.40 -4.43 10.66
CA GLY B 377 -21.06 -5.06 9.40
C GLY B 377 -21.54 -4.32 8.17
N GLU B 378 -22.18 -3.17 8.36
CA GLU B 378 -22.65 -2.35 7.24
C GLU B 378 -21.48 -1.95 6.36
N PRO B 379 -21.73 -1.80 5.04
CA PRO B 379 -20.69 -1.28 4.14
C PRO B 379 -20.63 0.24 4.21
N ALA B 380 -19.48 0.83 3.89
CA ALA B 380 -19.36 2.28 3.88
C ALA B 380 -19.69 2.88 2.52
N ILE B 381 -19.27 2.20 1.46
CA ILE B 381 -19.32 2.81 0.13
C ILE B 381 -19.49 1.75 -0.95
N GLY B 382 -20.22 2.10 -2.00
CA GLY B 382 -20.39 1.20 -3.12
C GLY B 382 -19.13 1.13 -3.96
N ALA B 383 -19.15 0.27 -4.99
CA ALA B 383 -17.96 0.03 -5.80
C ALA B 383 -17.51 1.31 -6.45
N GLY B 384 -16.21 1.57 -6.39
CA GLY B 384 -15.63 2.74 -7.04
C GLY B 384 -15.46 2.56 -8.53
N HIS B 385 -14.97 3.61 -9.16
CA HIS B 385 -14.86 3.64 -10.62
C HIS B 385 -13.39 3.60 -11.05
N GLY B 386 -13.16 3.48 -12.34
CA GLY B 386 -11.82 3.56 -12.88
C GLY B 386 -11.51 2.45 -13.86
N MET B 387 -12.39 1.46 -13.87
CA MET B 387 -12.22 0.29 -14.74
C MET B 387 -12.50 0.65 -16.19
MG MG C . 14.19 -10.89 -0.47
MG MG D . -7.88 -1.40 -14.73
C1 GOL E . 0.75 -11.62 14.41
O1 GOL E . -0.41 -12.38 14.12
C2 GOL E . 0.51 -10.13 14.19
O2 GOL E . 0.34 -9.86 12.81
C3 GOL E . 1.66 -9.30 14.76
O3 GOL E . 2.88 -9.67 14.13
C1 GOL F . 31.91 5.77 6.81
O1 GOL F . 30.88 4.87 7.12
C2 GOL F . 31.93 6.09 5.31
O2 GOL F . 30.71 5.89 4.63
C3 GOL F . 33.03 5.27 4.64
O3 GOL F . 33.57 6.12 3.65
C ACY G . 20.26 7.05 3.07
O ACY G . 21.32 7.58 3.43
OXT ACY G . 20.21 6.10 2.28
CH3 ACY G . 18.95 7.57 3.59
C ACY H . 25.28 -11.02 10.91
O ACY H . 24.77 -9.88 10.94
OXT ACY H . 25.10 -11.87 11.82
CH3 ACY H . 26.16 -11.40 9.75
C ACY I . 12.98 -13.04 4.76
O ACY I . 13.98 -12.29 4.66
OXT ACY I . 13.05 -14.28 4.84
CH3 ACY I . 11.62 -12.42 4.78
MG MG J . -10.62 14.14 -3.38
MG MG K . 12.55 5.35 9.91
OAA DXL L . -16.32 11.72 -1.50
OAB DXL L . -14.61 9.90 -0.38
OAC DXL L . -12.17 12.55 -2.80
OAD DXL L . -12.89 14.61 0.12
OAE DXL L . -15.17 11.48 -3.39
CAF DXL L . -15.31 11.38 -2.15
CAG DXL L . -14.12 10.83 -1.36
CAH DXL L . -13.39 12.00 -0.68
CAI DXL L . -12.98 13.08 -1.71
CAJ DXL L . -12.44 14.36 -1.01
OAK DXL L . -11.62 15.08 -1.61
OAL DXL L . -12.29 11.46 0.09
C1 GOL M . 6.16 4.60 -6.26
O1 GOL M . 5.78 3.84 -7.37
C2 GOL M . 5.29 5.83 -6.05
O2 GOL M . 5.93 6.57 -5.08
C3 GOL M . 3.87 5.56 -5.51
O3 GOL M . 3.16 6.77 -5.14
C1 GOL N . -17.68 -3.26 3.86
O1 GOL N . -17.55 -3.39 5.27
C2 GOL N . -16.52 -3.95 3.16
O2 GOL N . -15.32 -3.27 3.46
C3 GOL N . -16.73 -3.98 1.66
O3 GOL N . -16.95 -2.67 1.17
C ACY O . -27.45 -0.07 2.05
O ACY O . -27.87 0.33 0.95
OXT ACY O . -27.78 0.45 3.14
CH3 ACY O . -26.51 -1.22 2.08
C ACY P . 4.02 29.33 -5.25
O ACY P . 2.89 28.85 -5.52
OXT ACY P . 4.65 30.04 -6.03
CH3 ACY P . 4.64 29.01 -3.91
C ACY Q . -22.62 13.68 -13.63
O ACY Q . -23.77 13.45 -13.20
OXT ACY Q . -21.75 12.78 -13.80
CH3 ACY Q . -22.26 15.09 -13.96
#